data_8TRT
#
_entry.id   8TRT
#
_cell.length_a   57.710
_cell.length_b   182.135
_cell.length_c   74.380
_cell.angle_alpha   90.000
_cell.angle_beta   92.930
_cell.angle_gamma   90.000
#
_symmetry.space_group_name_H-M   'P 1 21 1'
#
loop_
_entity.id
_entity.type
_entity.pdbx_description
1 polymer 'S1CE variant of Fab C1 heavy chain'
2 polymer 'S1CE variant of Fab C1 light chain'
3 polymer 'Ephrin type-A receptor 2'
4 non-polymer 'CHLORIDE ION'
5 non-polymer 'SODIUM ION'
6 water water
#
loop_
_entity_poly.entity_id
_entity_poly.type
_entity_poly.pdbx_seq_one_letter_code
_entity_poly.pdbx_strand_id
1 'polypeptide(L)'
;EVQLVESGGGLVQPGGSLRLSCAASGFTIYYSSMHWVRQAPGKGLEWVASISSYYGYTYYADSVKGRFTISADTSKNTAY
LQMNSLRAEDTAVYYCARYYAMDYWGQGTLVTVFNQIKGPSVFPLAPSSKSTSGGTAALGCLVKDYFPEPVTVSWNSGAL
TSGVHTFPAVLQSSGLYSLSSVVTVPSSSLGTQTYICNVNHKPSNTKVDKKVEPKSCDKTHT
;
A,B
2 'polypeptide(L)'
;DIQMTQSPSSLSASVGDRVTITCRASQSVSSAVAWYQQKPGKAPKLLIYSASSLYSGVPSRFSGSRSGTDFTLTISSLQP
EDFATYYCQQYYGYGGYPITFGQGTKVEIKRTVAAPSVFIFPPSDEQLKSGTASVVCLLNNFYPREAKVSWYVDNALQSG
NSQESVTEQDSKDSTYSLSSTLTLSKADYEKHKVYACEVTQGTTSVTKSFNRGEC
;
G,C
3 'polypeptide(L)'
;KKCPELLQGLAHFPETIAGSDAPSLATVAGTCVDHAVVPPGGEEPRMHCAVDGEWLVPIGQCLCQAGYEKVEDACQACSP
GFFKFEASESPCLECPEHTLPSPEGATSCECEEGFFRAPQDPASMPCTLVPR
;
E,D
#
loop_
_chem_comp.id
_chem_comp.type
_chem_comp.name
_chem_comp.formula
CL non-polymer 'CHLORIDE ION' 'Cl -1'
NA non-polymer 'SODIUM ION' 'Na 1'
#
# COMPACT_ATOMS: atom_id res chain seq x y z
N GLU A 1 0.79 -42.66 25.06
CA GLU A 1 0.51 -41.32 24.55
C GLU A 1 1.72 -40.35 24.74
N VAL A 2 2.28 -39.86 23.63
CA VAL A 2 3.39 -38.92 23.71
C VAL A 2 2.90 -37.61 24.29
N GLN A 3 3.60 -37.08 25.30
CA GLN A 3 3.17 -35.86 25.97
C GLN A 3 4.35 -34.92 26.20
N LEU A 4 4.10 -33.62 26.05
CA LEU A 4 5.08 -32.58 26.32
C LEU A 4 4.46 -31.58 27.29
N VAL A 5 5.07 -31.42 28.47
CA VAL A 5 4.57 -30.48 29.47
C VAL A 5 5.69 -29.48 29.76
N GLU A 6 5.42 -28.21 29.53
CA GLU A 6 6.42 -27.17 29.72
C GLU A 6 6.18 -26.40 31.01
N SER A 7 7.18 -25.63 31.38
CA SER A 7 7.11 -24.85 32.60
C SER A 7 8.16 -23.76 32.49
N GLY A 8 8.19 -22.87 33.49
CA GLY A 8 9.29 -21.96 33.68
C GLY A 8 9.07 -20.55 33.17
N GLY A 9 8.05 -20.34 32.32
CA GLY A 9 7.82 -19.01 31.77
C GLY A 9 7.30 -18.05 32.82
N GLY A 10 7.38 -16.76 32.53
CA GLY A 10 6.86 -15.79 33.45
C GLY A 10 7.46 -14.41 33.20
N LEU A 11 7.38 -13.58 34.25
CA LEU A 11 7.85 -12.21 34.20
C LEU A 11 9.33 -12.15 34.51
N VAL A 12 10.06 -11.35 33.72
CA VAL A 12 11.50 -11.17 33.86
C VAL A 12 11.84 -9.78 33.33
N GLN A 13 12.96 -9.11 33.95
CA GLN A 13 13.44 -7.78 33.58
C GLN A 13 14.52 -7.92 32.50
N PRO A 14 14.76 -6.90 31.68
CA PRO A 14 15.86 -7.00 30.70
C PRO A 14 17.21 -7.21 31.37
N GLY A 15 18.03 -8.05 30.75
CA GLY A 15 19.32 -8.40 31.28
C GLY A 15 19.28 -9.54 32.28
N GLY A 16 18.15 -9.71 32.96
CA GLY A 16 17.93 -10.89 33.76
C GLY A 16 17.86 -12.13 32.88
N SER A 17 17.56 -13.25 33.53
CA SER A 17 17.62 -14.52 32.82
C SER A 17 16.50 -15.43 33.31
N LEU A 18 16.17 -16.42 32.49
CA LEU A 18 15.06 -17.31 32.76
C LEU A 18 15.34 -18.67 32.16
N ARG A 19 14.76 -19.71 32.75
CA ARG A 19 14.96 -21.09 32.28
C ARG A 19 13.62 -21.80 32.09
N LEU A 20 13.38 -22.30 30.87
CA LEU A 20 12.18 -23.07 30.54
C LEU A 20 12.49 -24.56 30.45
N SER A 21 11.59 -25.39 30.95
CA SER A 21 11.76 -26.83 30.94
C SER A 21 10.74 -27.46 29.99
N CYS A 22 11.01 -28.70 29.60
CA CYS A 22 10.10 -29.42 28.72
C CYS A 22 10.19 -30.90 29.09
N ALA A 23 9.30 -31.35 29.97
CA ALA A 23 9.31 -32.73 30.41
C ALA A 23 8.49 -33.59 29.46
N ALA A 24 9.09 -34.67 28.96
CA ALA A 24 8.50 -35.51 27.94
C ALA A 24 8.20 -36.89 28.49
N SER A 25 6.96 -37.35 28.26
CA SER A 25 6.52 -38.71 28.52
C SER A 25 6.07 -39.35 27.21
N GLY A 26 6.23 -40.68 27.12
CA GLY A 26 5.76 -41.45 25.98
C GLY A 26 6.78 -41.75 24.89
N PHE A 27 8.01 -41.24 25.02
CA PHE A 27 9.08 -41.43 24.05
C PHE A 27 10.38 -40.97 24.69
N THR A 28 11.50 -41.31 24.05
CA THR A 28 12.84 -41.04 24.59
C THR A 28 13.44 -39.80 23.93
N ILE A 29 13.85 -38.83 24.76
CA ILE A 29 14.44 -37.59 24.25
C ILE A 29 15.72 -37.88 23.47
N TYR A 30 16.47 -38.89 23.89
CA TYR A 30 17.74 -39.23 23.25
C TYR A 30 17.55 -39.62 21.79
N TYR A 31 16.49 -40.37 21.49
CA TYR A 31 16.18 -40.84 20.15
C TYR A 31 15.49 -39.78 19.30
N SER A 32 15.38 -38.53 19.74
CA SER A 32 14.57 -37.52 19.04
C SER A 32 15.21 -36.15 19.07
N SER A 33 14.95 -35.39 18.02
CA SER A 33 15.28 -33.98 18.02
C SER A 33 14.16 -33.21 18.70
N MET A 34 14.52 -32.17 19.45
CA MET A 34 13.57 -31.33 20.15
C MET A 34 13.85 -29.89 19.74
N HIS A 35 12.79 -29.11 19.57
CA HIS A 35 12.90 -27.73 19.11
C HIS A 35 12.09 -26.81 19.99
N TRP A 36 12.53 -25.55 20.04
CA TRP A 36 11.80 -24.48 20.70
C TRP A 36 11.30 -23.52 19.63
N VAL A 37 9.99 -23.26 19.62
CA VAL A 37 9.35 -22.35 18.70
C VAL A 37 8.60 -21.33 19.53
N ARG A 38 8.82 -20.05 19.25
CA ARG A 38 8.17 -18.99 20.01
C ARG A 38 7.16 -18.29 19.12
N GLN A 39 6.18 -17.65 19.75
CA GLN A 39 5.18 -16.84 19.05
C GLN A 39 4.99 -15.55 19.84
N ALA A 40 5.38 -14.42 19.26
CA ALA A 40 5.08 -13.15 19.91
C ALA A 40 3.57 -12.88 19.84
N PRO A 41 3.02 -12.09 20.76
CA PRO A 41 1.58 -11.81 20.73
C PRO A 41 1.15 -11.21 19.39
N GLY A 42 0.14 -11.83 18.78
CA GLY A 42 -0.36 -11.36 17.50
C GLY A 42 0.50 -11.67 16.29
N LYS A 43 1.53 -12.50 16.42
CA LYS A 43 2.38 -12.80 15.28
C LYS A 43 2.35 -14.31 15.01
N GLY A 44 3.20 -14.76 14.10
CA GLY A 44 3.30 -16.15 13.74
C GLY A 44 4.35 -16.88 14.57
N LEU A 45 4.68 -18.08 14.14
CA LEU A 45 5.66 -18.92 14.81
C LEU A 45 7.07 -18.57 14.35
N GLU A 46 8.03 -18.61 15.29
CA GLU A 46 9.42 -18.34 14.97
C GLU A 46 10.27 -19.43 15.62
N TRP A 47 11.21 -19.99 14.87
CA TRP A 47 12.10 -20.99 15.43
C TRP A 47 13.15 -20.33 16.33
N VAL A 48 13.52 -21.05 17.40
CA VAL A 48 14.42 -20.53 18.42
C VAL A 48 15.68 -21.38 18.54
N ALA A 49 15.53 -22.68 18.74
CA ALA A 49 16.65 -23.57 18.98
C ALA A 49 16.23 -25.01 18.73
N SER A 50 17.24 -25.86 18.49
CA SER A 50 17.04 -27.26 18.14
C SER A 50 18.11 -28.09 18.83
N ILE A 51 17.80 -29.33 19.16
CA ILE A 51 18.77 -30.19 19.83
C ILE A 51 18.55 -31.65 19.44
N SER A 52 19.65 -32.36 19.16
CA SER A 52 19.62 -33.79 18.86
C SER A 52 20.69 -34.46 19.72
N SER A 53 20.25 -35.12 20.79
CA SER A 53 21.16 -35.90 21.62
C SER A 53 21.90 -36.94 20.80
N TYR A 54 21.23 -37.54 19.80
CA TYR A 54 21.84 -38.62 19.03
C TYR A 54 23.02 -38.12 18.19
N TYR A 55 22.77 -37.16 17.30
CA TYR A 55 23.85 -36.65 16.45
C TYR A 55 24.71 -35.63 17.18
N GLY A 56 24.22 -35.10 18.29
CA GLY A 56 24.99 -34.17 19.10
C GLY A 56 25.18 -32.81 18.47
N TYR A 57 24.09 -32.05 18.28
CA TYR A 57 24.20 -30.68 17.76
C TYR A 57 23.15 -29.78 18.39
N THR A 58 23.52 -28.52 18.57
CA THR A 58 22.68 -27.53 19.24
C THR A 58 22.65 -26.28 18.38
N TYR A 59 21.50 -26.00 17.77
CA TYR A 59 21.37 -24.97 16.74
C TYR A 59 20.45 -23.86 17.21
N TYR A 60 20.83 -22.62 16.91
CA TYR A 60 20.06 -21.46 17.33
C TYR A 60 19.68 -20.59 16.14
N ALA A 61 18.52 -19.95 16.24
CA ALA A 61 18.15 -18.95 15.27
C ALA A 61 19.11 -17.77 15.35
N ASP A 62 19.32 -17.10 14.22
CA ASP A 62 20.29 -16.01 14.21
C ASP A 62 19.92 -14.93 15.21
N SER A 63 18.63 -14.75 15.49
CA SER A 63 18.18 -13.67 16.36
C SER A 63 18.40 -13.93 17.86
N VAL A 64 18.71 -15.16 18.27
CA VAL A 64 18.95 -15.44 19.68
C VAL A 64 20.35 -16.00 19.92
N LYS A 65 21.14 -16.21 18.87
CA LYS A 65 22.45 -16.82 19.01
C LYS A 65 23.29 -16.10 20.05
N GLY A 66 23.82 -16.87 21.00
CA GLY A 66 24.72 -16.35 22.01
C GLY A 66 24.08 -15.74 23.23
N ARG A 67 22.77 -15.89 23.41
CA ARG A 67 22.10 -15.40 24.62
C ARG A 67 21.31 -16.53 25.27
N PHE A 68 20.87 -17.49 24.46
CA PHE A 68 20.14 -18.65 24.94
C PHE A 68 21.03 -19.87 24.82
N THR A 69 20.84 -20.83 25.73
CA THR A 69 21.54 -22.09 25.58
C THR A 69 20.52 -23.21 25.70
N ILE A 70 20.59 -24.15 24.78
CA ILE A 70 19.70 -25.30 24.78
C ILE A 70 20.46 -26.49 25.34
N SER A 71 19.75 -27.38 26.02
CA SER A 71 20.39 -28.53 26.62
C SER A 71 19.34 -29.60 26.82
N ALA A 72 19.79 -30.79 27.20
CA ALA A 72 18.82 -31.82 27.47
C ALA A 72 19.43 -32.79 28.46
N ASP A 73 18.58 -33.44 29.23
CA ASP A 73 19.04 -34.44 30.19
C ASP A 73 18.23 -35.70 29.90
N THR A 74 18.80 -36.59 29.09
CA THR A 74 18.10 -37.78 28.68
C THR A 74 17.65 -38.67 29.86
N SER A 75 18.30 -38.60 31.03
CA SER A 75 17.79 -39.35 32.18
C SER A 75 16.38 -38.90 32.57
N LYS A 76 16.17 -37.59 32.73
CA LYS A 76 14.89 -37.03 33.13
C LYS A 76 13.98 -36.70 31.93
N ASN A 77 14.37 -37.17 30.73
CA ASN A 77 13.67 -36.90 29.47
C ASN A 77 13.17 -35.47 29.38
N THR A 78 14.07 -34.54 29.72
CA THR A 78 13.69 -33.14 29.84
C THR A 78 14.70 -32.31 29.06
N ALA A 79 14.20 -31.35 28.28
CA ALA A 79 15.02 -30.42 27.52
C ALA A 79 14.85 -29.04 28.14
N TYR A 80 15.94 -28.28 28.22
CA TYR A 80 15.94 -26.97 28.85
C TYR A 80 16.22 -25.89 27.83
N LEU A 81 15.63 -24.73 28.03
CA LEU A 81 16.04 -23.53 27.30
C LEU A 81 16.36 -22.48 28.34
N GLN A 82 17.64 -22.14 28.45
CA GLN A 82 18.09 -21.07 29.30
C GLN A 82 18.12 -19.79 28.47
N MET A 83 17.49 -18.74 28.97
CA MET A 83 17.40 -17.46 28.26
C MET A 83 18.16 -16.42 29.07
N ASN A 84 19.27 -15.91 28.55
CA ASN A 84 20.03 -14.86 29.23
C ASN A 84 20.11 -13.62 28.31
N SER A 85 20.47 -12.47 28.88
CA SER A 85 20.42 -11.15 28.22
C SER A 85 19.10 -10.90 27.50
N LEU A 86 18.01 -10.92 28.28
CA LEU A 86 16.67 -10.91 27.74
C LEU A 86 16.23 -9.50 27.31
N ARG A 87 15.58 -9.40 26.16
CA ARG A 87 15.21 -8.11 25.59
C ARG A 87 13.70 -8.01 25.41
N ALA A 88 13.26 -6.84 24.93
CA ALA A 88 11.82 -6.59 24.77
C ALA A 88 11.20 -7.55 23.76
N GLU A 89 11.88 -7.74 22.62
CA GLU A 89 11.40 -8.63 21.58
C GLU A 89 11.35 -10.09 22.01
N ASP A 90 11.97 -10.45 23.12
CA ASP A 90 11.92 -11.84 23.58
C ASP A 90 10.60 -12.19 24.24
N THR A 91 9.76 -11.20 24.51
CA THR A 91 8.42 -11.45 25.02
C THR A 91 7.60 -12.25 24.02
N ALA A 92 7.16 -13.45 24.42
CA ALA A 92 6.42 -14.33 23.53
C ALA A 92 5.96 -15.56 24.31
N VAL A 93 5.10 -16.34 23.66
CA VAL A 93 4.76 -17.68 24.13
C VAL A 93 5.77 -18.64 23.52
N TYR A 94 6.43 -19.43 24.37
CA TYR A 94 7.48 -20.35 23.96
C TYR A 94 6.96 -21.79 24.03
N TYR A 95 6.99 -22.48 22.89
CA TYR A 95 6.58 -23.86 22.74
C TYR A 95 7.82 -24.72 22.55
N CYS A 96 7.74 -25.97 23.01
CA CYS A 96 8.68 -27.02 22.64
C CYS A 96 7.95 -28.09 21.86
N ALA A 97 8.58 -28.57 20.77
CA ALA A 97 7.96 -29.51 19.84
C ALA A 97 8.94 -30.62 19.48
N ARG A 98 8.41 -31.78 19.14
CA ARG A 98 9.23 -32.93 18.83
C ARG A 98 9.31 -33.13 17.32
N TYR A 99 10.56 -33.32 16.82
CA TYR A 99 10.92 -33.67 15.45
C TYR A 99 10.88 -32.44 14.55
N TYR A 100 11.45 -32.51 13.33
CA TYR A 100 11.50 -31.31 12.48
C TYR A 100 10.13 -31.00 11.86
N ALA A 101 9.49 -31.97 11.23
CA ALA A 101 8.04 -31.88 11.11
C ALA A 101 7.49 -32.22 12.50
N MET A 102 7.04 -31.18 13.23
CA MET A 102 6.77 -31.30 14.67
C MET A 102 5.40 -31.91 14.90
N ASP A 103 5.38 -33.18 15.28
CA ASP A 103 4.08 -33.85 15.39
C ASP A 103 3.44 -33.70 16.77
N TYR A 104 4.21 -33.43 17.82
CA TYR A 104 3.65 -33.19 19.15
C TYR A 104 4.22 -31.90 19.72
N TRP A 105 3.34 -31.08 20.31
CA TRP A 105 3.73 -29.79 20.86
C TRP A 105 3.40 -29.75 22.33
N GLY A 106 4.15 -28.96 23.09
CA GLY A 106 3.78 -28.63 24.45
C GLY A 106 2.66 -27.60 24.46
N GLN A 107 2.21 -27.23 25.65
CA GLN A 107 1.13 -26.26 25.70
C GLN A 107 1.61 -24.82 25.53
N GLY A 108 2.88 -24.56 25.80
CA GLY A 108 3.47 -23.23 25.71
C GLY A 108 3.69 -22.65 27.09
N THR A 109 4.58 -21.67 27.16
CA THR A 109 4.72 -20.88 28.37
C THR A 109 5.04 -19.45 27.98
N LEU A 110 4.45 -18.51 28.73
CA LEU A 110 4.48 -17.10 28.40
C LEU A 110 5.64 -16.42 29.10
N VAL A 111 6.54 -15.83 28.32
CA VAL A 111 7.69 -15.09 28.82
C VAL A 111 7.44 -13.60 28.57
N THR A 112 7.38 -12.82 29.64
CA THR A 112 7.09 -11.40 29.59
C THR A 112 8.31 -10.64 30.05
N VAL A 113 8.86 -9.81 29.18
CA VAL A 113 10.01 -9.00 29.54
C VAL A 113 9.51 -7.60 29.83
N PHE A 114 9.70 -7.15 31.06
CA PHE A 114 9.16 -5.87 31.47
C PHE A 114 10.28 -4.99 31.99
N ASN A 115 10.29 -3.74 31.53
CA ASN A 115 11.16 -2.69 32.05
C ASN A 115 10.52 -1.95 33.20
N GLN A 116 9.19 -1.83 33.19
CA GLN A 116 8.42 -1.09 34.17
C GLN A 116 7.15 -1.85 34.51
N ILE A 117 6.70 -1.75 35.76
CA ILE A 117 5.40 -2.29 36.13
C ILE A 117 4.52 -1.12 36.50
N LYS A 118 3.48 -0.89 35.71
CA LYS A 118 2.54 0.19 35.94
C LYS A 118 1.13 -0.37 35.79
N GLY A 119 0.32 -0.21 36.85
CA GLY A 119 -1.07 -0.63 36.83
C GLY A 119 -2.00 0.33 36.11
N PRO A 120 -3.16 -0.15 35.70
CA PRO A 120 -3.98 0.61 34.75
C PRO A 120 -4.78 1.67 35.45
N SER A 121 -5.09 2.73 34.70
CA SER A 121 -6.17 3.65 35.06
C SER A 121 -7.44 3.27 34.30
N VAL A 122 -8.58 3.33 34.97
CA VAL A 122 -9.84 2.94 34.35
C VAL A 122 -10.77 4.13 34.27
N PHE A 123 -11.33 4.35 33.09
CA PHE A 123 -12.21 5.50 32.91
C PHE A 123 -13.53 5.03 32.33
N PRO A 124 -14.63 5.65 32.73
CA PRO A 124 -15.92 5.17 32.27
C PRO A 124 -16.18 5.66 30.86
N LEU A 125 -16.65 4.74 30.03
CA LEU A 125 -17.20 5.08 28.73
C LEU A 125 -18.69 5.16 28.99
N ALA A 126 -19.13 6.32 29.51
CA ALA A 126 -20.49 6.47 30.01
C ALA A 126 -21.50 6.33 28.88
N PRO A 127 -22.67 5.76 29.15
CA PRO A 127 -23.68 5.57 28.10
C PRO A 127 -24.46 6.82 27.77
N SER A 128 -25.06 6.75 26.60
CA SER A 128 -25.82 7.81 25.94
C SER A 128 -27.35 7.64 26.05
N SER A 129 -28.05 8.79 26.10
CA SER A 129 -29.50 8.78 25.92
C SER A 129 -29.92 9.02 24.47
N LYS A 130 -29.06 9.67 23.67
CA LYS A 130 -29.41 10.05 22.31
C LYS A 130 -29.55 8.80 21.42
N SER A 133 -29.11 4.03 20.41
CA SER A 133 -29.73 3.44 19.22
C SER A 133 -31.19 3.02 19.45
N GLY A 134 -31.97 3.90 20.10
CA GLY A 134 -33.41 3.66 20.30
C GLY A 134 -33.83 2.80 21.50
N GLY A 135 -33.30 1.58 21.55
CA GLY A 135 -33.60 0.65 22.62
C GLY A 135 -32.40 -0.19 22.95
N THR A 136 -31.26 0.17 22.35
CA THR A 136 -29.95 -0.37 22.69
C THR A 136 -28.97 0.75 22.93
N ALA A 137 -28.33 0.74 24.10
CA ALA A 137 -27.33 1.70 24.49
C ALA A 137 -26.03 0.95 24.74
N ALA A 138 -24.91 1.60 24.46
CA ALA A 138 -23.59 1.01 24.59
C ALA A 138 -22.80 1.76 25.62
N LEU A 139 -22.13 1.02 26.49
CA LEU A 139 -21.33 1.61 27.56
C LEU A 139 -20.10 0.75 27.73
N GLY A 140 -19.15 1.20 28.55
CA GLY A 140 -18.00 0.36 28.81
C GLY A 140 -16.95 1.04 29.67
N CYS A 141 -15.76 0.44 29.65
CA CYS A 141 -14.61 0.82 30.46
C CYS A 141 -13.44 1.09 29.55
N LEU A 142 -12.73 2.19 29.81
CA LEU A 142 -11.52 2.51 29.06
C LEU A 142 -10.37 2.30 30.01
N VAL A 143 -9.53 1.32 29.70
CA VAL A 143 -8.40 0.93 30.53
C VAL A 143 -7.14 1.57 29.95
N LYS A 144 -6.57 2.55 30.63
CA LYS A 144 -5.49 3.33 30.01
C LYS A 144 -4.16 3.21 30.77
N ASP A 145 -3.05 3.17 30.03
CA ASP A 145 -1.71 3.38 30.58
C ASP A 145 -1.23 2.34 31.58
N TYR A 146 -1.23 1.10 31.17
CA TYR A 146 -0.68 0.03 31.98
C TYR A 146 0.50 -0.63 31.27
N PHE A 147 1.27 -1.40 32.03
CA PHE A 147 2.40 -2.17 31.51
C PHE A 147 2.86 -3.13 32.59
N PRO A 148 3.26 -4.36 32.29
CA PRO A 148 3.13 -5.03 31.00
C PRO A 148 1.76 -5.65 30.84
N GLU A 149 1.63 -6.44 29.78
CA GLU A 149 0.40 -7.17 29.56
C GLU A 149 0.29 -8.33 30.55
N PRO A 150 -0.92 -8.87 30.73
CA PRO A 150 -2.19 -8.42 30.19
C PRO A 150 -3.05 -7.84 31.27
N VAL A 151 -4.21 -7.37 30.84
CA VAL A 151 -5.30 -6.94 31.70
C VAL A 151 -6.50 -7.78 31.27
N THR A 152 -7.30 -8.22 32.24
CA THR A 152 -8.51 -9.00 31.96
C THR A 152 -9.71 -8.20 32.42
N VAL A 153 -10.73 -8.10 31.56
CA VAL A 153 -11.89 -7.29 31.87
C VAL A 153 -13.15 -8.16 31.89
N SER A 154 -13.86 -8.12 33.00
CA SER A 154 -15.16 -8.76 33.15
C SER A 154 -16.18 -7.72 33.60
N TRP A 155 -17.46 -8.07 33.47
CA TRP A 155 -18.51 -7.12 33.77
C TRP A 155 -19.44 -7.72 34.81
N ASN A 156 -19.73 -6.93 35.83
CA ASN A 156 -20.63 -7.36 36.89
C ASN A 156 -20.18 -8.71 37.45
N SER A 157 -18.86 -8.84 37.65
CA SER A 157 -18.24 -10.02 38.24
C SER A 157 -18.50 -11.31 37.45
N GLY A 158 -18.68 -11.18 36.13
CA GLY A 158 -18.94 -12.32 35.28
C GLY A 158 -20.40 -12.58 35.00
N ALA A 159 -21.31 -11.74 35.51
CA ALA A 159 -22.73 -11.91 35.23
C ALA A 159 -23.10 -11.43 33.82
N LEU A 160 -22.50 -10.34 33.36
CA LEU A 160 -22.63 -9.91 31.97
C LEU A 160 -21.60 -10.60 31.09
N THR A 161 -22.07 -11.41 30.15
CA THR A 161 -21.18 -11.89 29.10
C THR A 161 -21.79 -11.62 27.74
N SER A 162 -23.12 -11.68 27.59
CA SER A 162 -23.73 -11.47 26.26
C SER A 162 -23.50 -10.04 25.80
N GLY A 163 -23.00 -9.89 24.58
CA GLY A 163 -22.82 -8.59 24.00
C GLY A 163 -21.58 -7.84 24.45
N VAL A 164 -20.66 -8.51 25.17
CA VAL A 164 -19.42 -7.89 25.63
C VAL A 164 -18.37 -8.04 24.56
N HIS A 165 -17.61 -6.97 24.32
CA HIS A 165 -16.47 -7.00 23.40
C HIS A 165 -15.28 -6.40 24.13
N THR A 166 -14.30 -7.22 24.51
CA THR A 166 -13.07 -6.66 25.06
C THR A 166 -12.02 -6.62 23.96
N PHE A 167 -11.43 -5.46 23.77
CA PHE A 167 -10.59 -5.31 22.61
C PHE A 167 -9.15 -5.68 22.88
N PRO A 168 -8.43 -6.06 21.82
CA PRO A 168 -6.98 -6.21 21.95
C PRO A 168 -6.36 -4.90 22.37
N ALA A 169 -5.31 -5.01 23.19
CA ALA A 169 -4.61 -3.83 23.63
C ALA A 169 -3.75 -3.29 22.51
N VAL A 170 -3.47 -2.01 22.60
CA VAL A 170 -2.56 -1.34 21.69
C VAL A 170 -1.48 -0.69 22.52
N LEU A 171 -0.25 -0.79 22.03
CA LEU A 171 0.84 0.02 22.55
C LEU A 171 0.64 1.45 22.09
N GLN A 172 0.67 2.37 23.02
CA GLN A 172 0.53 3.76 22.62
C GLN A 172 1.91 4.37 22.41
N SER A 173 1.90 5.58 21.87
CA SER A 173 3.15 6.29 21.64
C SER A 173 3.99 6.31 22.90
N SER A 174 3.34 6.48 24.08
CA SER A 174 4.04 6.61 25.36
C SER A 174 4.79 5.36 25.77
N GLY A 175 4.49 4.21 25.19
CA GLY A 175 5.08 2.95 25.57
C GLY A 175 4.27 2.14 26.55
N LEU A 176 3.09 2.62 26.96
CA LEU A 176 2.19 1.87 27.84
C LEU A 176 1.03 1.28 27.03
N TYR A 177 0.40 0.24 27.56
CA TYR A 177 -0.67 -0.42 26.83
C TYR A 177 -2.01 0.26 27.11
N SER A 178 -3.03 -0.08 26.31
CA SER A 178 -4.32 0.58 26.48
C SER A 178 -5.40 -0.24 25.80
N LEU A 179 -6.59 -0.34 26.41
CA LEU A 179 -7.68 -1.11 25.82
C LEU A 179 -9.01 -0.62 26.36
N SER A 180 -10.08 -1.04 25.69
CA SER A 180 -11.46 -0.71 26.04
C SER A 180 -12.26 -1.98 26.13
N SER A 181 -13.19 -2.04 27.07
CA SER A 181 -14.24 -3.05 27.06
C SER A 181 -15.57 -2.36 26.86
N VAL A 182 -16.42 -2.91 25.99
CA VAL A 182 -17.75 -2.36 25.78
C VAL A 182 -18.81 -3.45 25.87
N VAL A 183 -20.02 -3.05 26.25
CA VAL A 183 -21.17 -3.95 26.22
C VAL A 183 -22.41 -3.15 25.79
N THR A 184 -23.29 -3.82 25.06
CA THR A 184 -24.57 -3.28 24.66
C THR A 184 -25.67 -3.84 25.55
N VAL A 185 -26.59 -2.96 25.92
CA VAL A 185 -27.63 -3.25 26.90
C VAL A 185 -28.91 -2.59 26.43
N PRO A 186 -30.06 -3.10 26.84
CA PRO A 186 -31.30 -2.37 26.57
C PRO A 186 -31.24 -1.00 27.20
N SER A 187 -31.60 0.03 26.42
CA SER A 187 -31.56 1.41 26.91
C SER A 187 -32.45 1.57 28.13
N SER A 188 -33.56 0.84 28.17
CA SER A 188 -34.52 0.95 29.26
C SER A 188 -33.91 0.54 30.61
N SER A 189 -33.20 -0.58 30.65
CA SER A 189 -32.56 -1.01 31.90
C SER A 189 -31.20 -0.31 32.05
N LEU A 190 -31.27 1.00 32.25
CA LEU A 190 -30.14 1.88 32.49
C LEU A 190 -30.23 2.62 33.79
N GLY A 191 -31.40 3.16 34.11
CA GLY A 191 -31.52 3.67 35.44
C GLY A 191 -31.84 2.63 36.49
N THR A 192 -31.97 1.36 36.09
CA THR A 192 -32.33 0.29 37.02
C THR A 192 -31.23 -0.73 37.21
N GLN A 193 -30.50 -1.05 36.16
CA GLN A 193 -29.44 -2.03 36.26
C GLN A 193 -28.10 -1.30 36.36
N THR A 194 -27.27 -1.74 37.31
CA THR A 194 -25.95 -1.17 37.51
C THR A 194 -24.92 -2.01 36.77
N TYR A 195 -23.93 -1.33 36.19
CA TYR A 195 -22.89 -1.96 35.38
C TYR A 195 -21.56 -1.65 36.01
N ILE A 196 -20.85 -2.69 36.45
CA ILE A 196 -19.49 -2.54 36.95
C ILE A 196 -18.61 -3.34 36.03
N CYS A 197 -17.51 -2.75 35.58
CA CYS A 197 -16.50 -3.54 34.91
C CYS A 197 -15.40 -3.88 35.89
N ASN A 198 -14.85 -5.07 35.77
CA ASN A 198 -13.85 -5.59 36.67
C ASN A 198 -12.58 -5.77 35.85
N VAL A 199 -11.66 -4.81 35.97
CA VAL A 199 -10.41 -4.83 35.22
C VAL A 199 -9.30 -5.31 36.15
N ASN A 200 -8.56 -6.31 35.71
CA ASN A 200 -7.64 -6.98 36.62
C ASN A 200 -6.25 -7.09 35.96
N HIS A 201 -5.23 -6.56 36.64
CA HIS A 201 -3.85 -6.49 36.15
C HIS A 201 -2.91 -7.22 37.10
N LYS A 202 -2.72 -8.53 36.87
CA LYS A 202 -1.90 -9.29 37.81
C LYS A 202 -0.50 -8.71 37.99
N PRO A 203 0.22 -8.25 36.95
CA PRO A 203 1.62 -7.82 37.12
C PRO A 203 1.86 -6.76 38.17
N SER A 204 0.84 -6.00 38.55
CA SER A 204 0.98 -5.04 39.62
C SER A 204 0.16 -5.41 40.85
N ASN A 205 -0.45 -6.61 40.84
CA ASN A 205 -1.42 -7.05 41.84
C ASN A 205 -2.38 -5.93 42.16
N THR A 206 -3.08 -5.49 41.11
CA THR A 206 -4.05 -4.41 41.15
C THR A 206 -5.30 -4.89 40.45
N LYS A 207 -6.45 -4.75 41.11
CA LYS A 207 -7.75 -4.97 40.50
C LYS A 207 -8.57 -3.70 40.68
N VAL A 208 -9.12 -3.15 39.59
CA VAL A 208 -9.99 -1.99 39.65
C VAL A 208 -11.40 -2.41 39.28
N ASP A 209 -12.37 -1.98 40.08
CA ASP A 209 -13.79 -2.29 39.89
C ASP A 209 -14.50 -0.95 39.76
N LYS A 210 -14.90 -0.56 38.55
CA LYS A 210 -15.48 0.76 38.34
C LYS A 210 -16.91 0.65 37.86
N LYS A 211 -17.76 1.49 38.41
CA LYS A 211 -19.17 1.49 38.08
C LYS A 211 -19.38 2.50 36.97
N VAL A 212 -19.86 2.02 35.84
CA VAL A 212 -20.14 2.87 34.69
C VAL A 212 -21.60 3.30 34.81
N GLU A 213 -21.82 4.60 35.01
CA GLU A 213 -23.16 5.13 35.19
C GLU A 213 -23.54 6.08 34.07
N PRO A 214 -24.84 6.24 33.81
CA PRO A 214 -25.30 7.31 32.92
C PRO A 214 -24.81 8.66 33.43
N LYS A 215 -24.58 9.59 32.51
CA LYS A 215 -23.99 10.87 32.88
C LYS A 215 -25.02 11.99 32.95
N ASP B 1 18.93 -18.52 5.19
CA ASP B 1 17.56 -18.34 5.65
C ASP B 1 16.59 -18.32 4.48
N ILE B 2 16.05 -19.51 4.19
CA ILE B 2 15.07 -19.71 3.13
C ILE B 2 13.76 -19.04 3.57
N GLN B 3 13.38 -17.96 2.91
CA GLN B 3 12.12 -17.30 3.24
C GLN B 3 10.94 -18.13 2.74
N MET B 4 9.86 -18.15 3.51
CA MET B 4 8.62 -18.84 3.13
C MET B 4 7.47 -17.83 3.00
N THR B 5 7.16 -17.46 1.75
CA THR B 5 6.14 -16.47 1.49
C THR B 5 4.78 -17.14 1.39
N GLN B 6 3.94 -16.89 2.39
CA GLN B 6 2.61 -17.46 2.41
C GLN B 6 1.63 -16.47 1.79
N SER B 7 0.70 -16.99 1.00
CA SER B 7 -0.37 -16.20 0.41
C SER B 7 -1.62 -17.08 0.39
N PRO B 8 -2.79 -16.51 0.67
CA PRO B 8 -2.94 -15.14 1.14
C PRO B 8 -2.72 -14.98 2.64
N SER B 9 -2.81 -13.75 3.13
CA SER B 9 -2.73 -13.49 4.57
C SER B 9 -4.08 -13.65 5.25
N SER B 10 -5.18 -13.56 4.51
CA SER B 10 -6.50 -13.77 5.07
C SER B 10 -7.44 -14.16 3.95
N LEU B 11 -8.41 -15.02 4.25
CA LEU B 11 -9.49 -15.25 3.29
C LEU B 11 -10.74 -15.65 4.05
N SER B 12 -11.90 -15.23 3.54
CA SER B 12 -13.19 -15.57 4.11
C SER B 12 -13.87 -16.57 3.20
N ALA B 13 -14.38 -17.65 3.78
CA ALA B 13 -14.97 -18.74 3.00
C ALA B 13 -16.16 -19.32 3.75
N SER B 14 -17.02 -20.00 2.98
CA SER B 14 -18.21 -20.64 3.54
C SER B 14 -17.88 -22.11 3.80
N VAL B 15 -18.71 -22.73 4.64
CA VAL B 15 -18.53 -24.13 4.99
C VAL B 15 -18.87 -25.02 3.79
N GLY B 16 -17.97 -25.95 3.47
CA GLY B 16 -18.06 -26.78 2.28
C GLY B 16 -17.13 -26.38 1.15
N ASP B 17 -16.61 -25.15 1.15
CA ASP B 17 -15.79 -24.63 0.07
C ASP B 17 -14.42 -25.30 -0.02
N ARG B 18 -13.77 -25.08 -1.15
CA ARG B 18 -12.41 -25.51 -1.40
C ARG B 18 -11.46 -24.34 -1.10
N VAL B 19 -10.69 -24.45 -0.02
CA VAL B 19 -9.69 -23.44 0.35
C VAL B 19 -8.32 -23.89 -0.18
N THR B 20 -7.54 -22.95 -0.68
CA THR B 20 -6.21 -23.25 -1.25
C THR B 20 -5.22 -22.21 -0.79
N ILE B 21 -4.34 -22.57 0.13
CA ILE B 21 -3.29 -21.70 0.65
C ILE B 21 -1.96 -22.06 -0.01
N THR B 22 -1.18 -21.05 -0.40
CA THR B 22 0.04 -21.26 -1.19
C THR B 22 1.25 -20.72 -0.44
N CYS B 23 2.41 -21.35 -0.68
CA CYS B 23 3.67 -21.02 -0.01
C CYS B 23 4.81 -21.27 -0.99
N ARG B 24 5.46 -20.21 -1.45
CA ARG B 24 6.55 -20.30 -2.41
C ARG B 24 7.87 -20.13 -1.66
N ALA B 25 8.76 -21.11 -1.77
CA ALA B 25 10.05 -21.05 -1.10
C ALA B 25 11.08 -20.31 -1.97
N SER B 26 12.05 -19.67 -1.29
CA SER B 26 13.10 -18.94 -1.98
C SER B 26 14.13 -19.84 -2.66
N GLN B 27 14.16 -21.14 -2.37
CA GLN B 27 15.13 -22.06 -2.95
C GLN B 27 14.47 -23.42 -3.13
N SER B 28 15.20 -24.35 -3.75
CA SER B 28 14.77 -25.74 -3.74
C SER B 28 14.77 -26.23 -2.30
N VAL B 29 13.62 -26.72 -1.82
CA VAL B 29 13.62 -27.29 -0.47
C VAL B 29 13.11 -28.74 -0.47
N SER B 30 13.16 -29.41 -1.62
CA SER B 30 12.79 -30.84 -1.75
C SER B 30 11.33 -30.98 -1.33
N SER B 31 11.00 -31.94 -0.47
CA SER B 31 9.68 -32.06 0.13
C SER B 31 9.68 -31.63 1.60
N ALA B 32 10.77 -31.03 2.08
CA ALA B 32 10.93 -30.74 3.51
C ALA B 32 10.08 -29.55 3.94
N VAL B 33 8.78 -29.69 3.71
CA VAL B 33 7.78 -28.68 3.99
C VAL B 33 6.65 -29.35 4.76
N ALA B 34 6.12 -28.64 5.76
CA ALA B 34 5.02 -29.13 6.58
C ALA B 34 3.97 -28.04 6.70
N TRP B 35 2.76 -28.46 7.07
CA TRP B 35 1.65 -27.55 7.23
C TRP B 35 1.00 -27.73 8.60
N TYR B 36 0.66 -26.63 9.25
CA TYR B 36 0.06 -26.67 10.58
C TYR B 36 -1.21 -25.84 10.60
N GLN B 37 -2.10 -26.19 11.52
CA GLN B 37 -3.29 -25.42 11.84
C GLN B 37 -3.21 -25.01 13.31
N GLN B 38 -3.53 -23.77 13.60
CA GLN B 38 -3.52 -23.28 14.98
C GLN B 38 -4.88 -22.68 15.30
N LYS B 39 -5.54 -23.22 16.35
CA LYS B 39 -6.71 -22.45 16.79
C LYS B 39 -6.30 -21.53 17.94
N PRO B 40 -6.96 -20.40 18.10
CA PRO B 40 -6.52 -19.38 19.06
C PRO B 40 -6.40 -19.90 20.50
N GLY B 41 -5.30 -19.52 21.15
CA GLY B 41 -4.98 -19.94 22.50
C GLY B 41 -4.39 -21.32 22.62
N LYS B 42 -4.41 -22.11 21.54
CA LYS B 42 -3.98 -23.49 21.52
C LYS B 42 -2.72 -23.64 20.69
N ALA B 43 -2.04 -24.77 20.84
CA ALA B 43 -0.84 -25.05 20.06
C ALA B 43 -1.14 -25.58 18.65
N PRO B 44 -0.21 -25.42 17.71
CA PRO B 44 -0.43 -25.94 16.36
C PRO B 44 -0.49 -27.46 16.33
N LYS B 45 -1.06 -27.97 15.24
CA LYS B 45 -1.24 -29.40 15.03
C LYS B 45 -0.63 -29.72 13.69
N LEU B 46 0.25 -30.71 13.63
CA LEU B 46 0.79 -31.08 12.32
C LEU B 46 -0.34 -31.56 11.42
N LEU B 47 -0.31 -31.10 10.17
CA LEU B 47 -1.34 -31.43 9.20
C LEU B 47 -0.81 -32.29 8.06
N ILE B 48 0.27 -31.85 7.43
CA ILE B 48 0.85 -32.50 6.26
C ILE B 48 2.37 -32.47 6.45
N TYR B 49 3.04 -33.59 6.20
CA TYR B 49 4.49 -33.65 6.27
C TYR B 49 5.02 -34.22 4.97
N SER B 50 6.28 -33.93 4.66
CA SER B 50 6.85 -34.21 3.33
C SER B 50 5.94 -33.65 2.25
N ALA B 51 5.33 -32.51 2.55
CA ALA B 51 4.63 -31.64 1.62
C ALA B 51 3.36 -32.25 1.06
N SER B 52 3.20 -33.58 1.16
CA SER B 52 2.08 -34.28 0.55
C SER B 52 1.50 -35.41 1.39
N SER B 53 2.06 -35.71 2.56
CA SER B 53 1.66 -36.88 3.36
C SER B 53 0.79 -36.44 4.53
N LEU B 54 -0.40 -37.04 4.65
CA LEU B 54 -1.28 -36.75 5.78
C LEU B 54 -0.68 -37.31 7.05
N TYR B 55 -0.72 -36.49 8.11
CA TYR B 55 -0.40 -37.00 9.44
C TYR B 55 -1.50 -37.95 9.87
N SER B 56 -1.24 -38.77 10.88
CA SER B 56 -2.27 -39.72 11.31
C SER B 56 -3.34 -38.95 12.07
N GLY B 57 -4.61 -39.23 11.75
CA GLY B 57 -5.72 -38.56 12.37
C GLY B 57 -6.25 -37.31 11.67
N VAL B 58 -5.46 -36.66 10.82
CA VAL B 58 -6.00 -35.47 10.14
C VAL B 58 -7.06 -35.90 9.14
N PRO B 59 -8.20 -35.21 9.05
CA PRO B 59 -9.25 -35.65 8.14
C PRO B 59 -8.75 -35.67 6.70
N SER B 60 -9.34 -36.57 5.92
CA SER B 60 -8.89 -36.78 4.54
C SER B 60 -9.06 -35.56 3.65
N ARG B 61 -9.94 -34.62 4.01
CA ARG B 61 -10.17 -33.45 3.16
C ARG B 61 -8.92 -32.58 3.03
N PHE B 62 -7.94 -32.72 3.92
CA PHE B 62 -6.70 -31.96 3.83
C PHE B 62 -5.71 -32.67 2.91
N SER B 63 -4.98 -31.88 2.11
CA SER B 63 -3.99 -32.43 1.20
C SER B 63 -2.92 -31.37 0.88
N GLY B 64 -1.73 -31.84 0.52
CA GLY B 64 -0.64 -30.96 0.15
C GLY B 64 0.03 -31.41 -1.13
N SER B 65 0.52 -30.44 -1.91
CA SER B 65 1.12 -30.72 -3.20
C SER B 65 2.35 -29.84 -3.44
N ARG B 66 3.25 -30.33 -4.30
CA ARG B 66 4.49 -29.64 -4.63
C ARG B 66 4.66 -29.50 -6.14
N SER B 67 5.21 -28.35 -6.58
CA SER B 67 5.78 -28.21 -7.92
C SER B 67 6.96 -27.26 -7.86
N GLY B 68 8.17 -27.83 -7.76
CA GLY B 68 9.40 -27.05 -7.80
C GLY B 68 9.68 -26.34 -6.50
N THR B 69 9.14 -25.13 -6.35
CA THR B 69 9.22 -24.37 -5.11
C THR B 69 7.87 -23.92 -4.57
N ASP B 70 6.76 -24.24 -5.24
CA ASP B 70 5.44 -23.73 -4.86
C ASP B 70 4.67 -24.86 -4.21
N PHE B 71 4.47 -24.75 -2.90
CA PHE B 71 3.71 -25.73 -2.14
C PHE B 71 2.33 -25.18 -1.85
N THR B 72 1.33 -26.02 -1.98
CA THR B 72 -0.05 -25.58 -1.81
C THR B 72 -0.78 -26.59 -0.95
N LEU B 73 -1.45 -26.08 0.07
CA LEU B 73 -2.34 -26.86 0.91
C LEU B 73 -3.77 -26.62 0.47
N THR B 74 -4.55 -27.71 0.39
CA THR B 74 -5.91 -27.64 -0.11
C THR B 74 -6.87 -28.32 0.86
N ILE B 75 -8.02 -27.69 1.08
CA ILE B 75 -9.11 -28.27 1.86
C ILE B 75 -10.30 -28.51 0.92
N SER B 76 -10.68 -29.78 0.77
CA SER B 76 -11.64 -30.18 -0.26
C SER B 76 -13.04 -29.66 0.01
N SER B 77 -13.54 -29.84 1.24
CA SER B 77 -14.81 -29.25 1.65
C SER B 77 -14.61 -28.76 3.08
N LEU B 78 -14.47 -27.45 3.22
CA LEU B 78 -14.22 -26.83 4.50
C LEU B 78 -15.33 -27.15 5.49
N GLN B 79 -14.97 -27.77 6.60
CA GLN B 79 -15.89 -28.02 7.72
C GLN B 79 -15.80 -26.94 8.79
N PRO B 80 -16.85 -26.78 9.60
CA PRO B 80 -16.86 -25.68 10.58
C PRO B 80 -15.65 -25.68 11.52
N GLU B 81 -15.08 -26.84 11.83
CA GLU B 81 -13.94 -26.87 12.74
C GLU B 81 -12.65 -26.40 12.08
N ASP B 82 -12.66 -26.13 10.77
CA ASP B 82 -11.44 -25.78 10.08
C ASP B 82 -11.20 -24.28 10.03
N PHE B 83 -12.03 -23.50 10.71
CA PHE B 83 -11.79 -22.06 10.78
C PHE B 83 -10.70 -21.82 11.82
N ALA B 84 -9.56 -21.38 11.35
CA ALA B 84 -8.33 -21.36 12.13
C ALA B 84 -7.30 -20.64 11.28
N THR B 85 -6.05 -20.63 11.74
CA THR B 85 -4.93 -20.06 11.00
C THR B 85 -3.94 -21.15 10.62
N TYR B 86 -3.34 -21.03 9.43
CA TYR B 86 -2.52 -22.08 8.84
C TYR B 86 -1.11 -21.58 8.62
N TYR B 87 -0.12 -22.45 8.86
CA TYR B 87 1.28 -22.11 8.68
C TYR B 87 1.96 -23.13 7.79
N CYS B 88 2.75 -22.66 6.81
CA CYS B 88 3.69 -23.53 6.13
C CYS B 88 5.04 -23.41 6.82
N GLN B 89 5.73 -24.53 6.95
CA GLN B 89 7.07 -24.54 7.49
C GLN B 89 7.94 -25.41 6.59
N GLN B 90 9.16 -24.96 6.35
CA GLN B 90 10.16 -25.73 5.64
C GLN B 90 11.24 -26.16 6.62
N TYR B 91 11.76 -27.35 6.44
CA TYR B 91 12.82 -27.85 7.31
C TYR B 91 13.97 -28.43 6.51
N TYR B 92 14.25 -27.86 5.34
CA TYR B 92 15.20 -28.43 4.38
C TYR B 92 16.56 -28.70 5.01
N GLY B 93 17.11 -29.88 4.73
CA GLY B 93 18.39 -30.28 5.25
C GLY B 93 18.39 -30.80 6.66
N TYR B 94 17.21 -30.90 7.28
CA TYR B 94 17.04 -31.46 8.63
C TYR B 94 18.04 -30.87 9.61
N GLY B 95 18.09 -29.53 9.64
CA GLY B 95 18.88 -28.78 10.60
C GLY B 95 20.06 -28.04 10.00
N GLY B 96 20.49 -28.40 8.80
CA GLY B 96 21.60 -27.73 8.16
C GLY B 96 21.31 -26.30 7.77
N TYR B 97 20.03 -25.90 7.76
CA TYR B 97 19.57 -24.57 7.44
C TYR B 97 18.51 -24.16 8.46
N PRO B 98 18.37 -22.87 8.74
CA PRO B 98 17.42 -22.44 9.76
C PRO B 98 16.00 -22.86 9.40
N ILE B 99 15.29 -23.44 10.37
CA ILE B 99 13.88 -23.74 10.19
C ILE B 99 13.12 -22.44 10.17
N THR B 100 12.41 -22.18 9.08
CA THR B 100 11.66 -20.94 8.89
C THR B 100 10.21 -21.27 8.60
N PHE B 101 9.33 -20.36 8.99
CA PHE B 101 7.91 -20.60 8.86
C PHE B 101 7.32 -19.67 7.81
N GLY B 102 6.15 -20.06 7.33
CA GLY B 102 5.33 -19.13 6.61
C GLY B 102 4.80 -18.10 7.57
N GLN B 103 4.11 -17.13 7.01
CA GLN B 103 3.63 -16.03 7.80
C GLN B 103 2.20 -16.25 8.25
N GLY B 104 1.51 -17.25 7.71
CA GLY B 104 0.17 -17.57 8.16
C GLY B 104 -0.95 -17.09 7.27
N THR B 105 -2.00 -17.91 7.16
CA THR B 105 -3.23 -17.55 6.49
C THR B 105 -4.38 -17.74 7.46
N LYS B 106 -5.10 -16.68 7.79
CA LYS B 106 -6.27 -16.86 8.63
C LYS B 106 -7.49 -17.09 7.75
N VAL B 107 -8.23 -18.15 8.04
CA VAL B 107 -9.43 -18.52 7.28
C VAL B 107 -10.65 -18.22 8.14
N GLU B 108 -11.46 -17.25 7.69
CA GLU B 108 -12.61 -16.76 8.43
C GLU B 108 -13.92 -17.17 7.74
N ILE B 109 -15.03 -16.98 8.44
CA ILE B 109 -16.34 -17.43 7.96
C ILE B 109 -16.94 -16.32 7.12
N LYS B 110 -17.48 -16.67 5.96
CA LYS B 110 -18.21 -15.71 5.14
C LYS B 110 -19.63 -15.53 5.68
N ARG B 111 -20.14 -14.31 5.52
CA ARG B 111 -21.40 -13.90 6.11
C ARG B 111 -22.04 -12.86 5.20
N THR B 112 -23.29 -12.49 5.49
CA THR B 112 -23.96 -11.42 4.77
C THR B 112 -23.55 -10.06 5.32
N VAL B 113 -23.65 -9.03 4.47
CA VAL B 113 -23.24 -7.68 4.87
C VAL B 113 -24.07 -7.21 6.06
N ALA B 114 -23.41 -6.54 7.01
CA ALA B 114 -24.06 -5.97 8.18
C ALA B 114 -23.42 -4.63 8.54
N ALA B 115 -24.25 -3.58 8.63
CA ALA B 115 -23.69 -2.29 8.95
C ALA B 115 -23.45 -2.19 10.45
N PRO B 116 -22.46 -1.42 10.88
CA PRO B 116 -22.19 -1.31 12.30
C PRO B 116 -23.14 -0.33 12.97
N SER B 117 -23.43 -0.63 14.23
CA SER B 117 -23.96 0.36 15.17
C SER B 117 -22.79 1.23 15.57
N VAL B 118 -22.92 2.54 15.44
CA VAL B 118 -21.81 3.44 15.75
C VAL B 118 -22.15 4.25 17.00
N PHE B 119 -21.30 4.17 18.03
CA PHE B 119 -21.45 4.98 19.24
C PHE B 119 -20.20 5.81 19.47
N ILE B 120 -20.36 7.03 19.92
CA ILE B 120 -19.19 7.83 20.22
C ILE B 120 -19.28 8.25 21.67
N PHE B 121 -18.15 8.15 22.38
CA PHE B 121 -18.05 8.37 23.80
C PHE B 121 -17.13 9.56 24.02
N PRO B 122 -17.55 10.60 24.74
CA PRO B 122 -16.65 11.70 25.02
C PRO B 122 -15.62 11.29 26.05
N PRO B 123 -14.67 12.15 26.35
CA PRO B 123 -13.80 11.92 27.51
C PRO B 123 -14.60 11.92 28.80
N SER B 124 -14.18 11.11 29.77
CA SER B 124 -14.79 11.18 31.09
C SER B 124 -14.26 12.38 31.87
N ASP B 125 -15.08 12.93 32.73
CA ASP B 125 -14.59 14.12 33.42
C ASP B 125 -13.44 13.76 34.38
N GLU B 126 -13.41 12.50 34.84
CA GLU B 126 -12.36 12.04 35.75
C GLU B 126 -11.00 11.98 35.06
N GLN B 127 -10.99 11.57 33.78
CA GLN B 127 -9.76 11.51 32.99
C GLN B 127 -9.27 12.91 32.64
N LEU B 128 -10.21 13.81 32.36
CA LEU B 128 -9.86 15.16 31.96
C LEU B 128 -9.08 15.87 33.03
N LYS B 129 -9.38 15.59 34.31
CA LYS B 129 -8.61 16.20 35.39
C LYS B 129 -7.14 15.84 35.25
N SER B 130 -6.85 14.61 34.80
CA SER B 130 -5.46 14.17 34.55
C SER B 130 -4.78 14.89 33.40
N GLY B 131 -5.52 15.53 32.50
CA GLY B 131 -4.87 16.27 31.45
C GLY B 131 -4.87 15.64 30.07
N THR B 132 -5.40 14.43 29.90
CA THR B 132 -5.50 13.78 28.61
C THR B 132 -6.96 13.52 28.32
N ALA B 133 -7.37 13.71 27.08
CA ALA B 133 -8.73 13.44 26.64
C ALA B 133 -8.73 12.25 25.69
N SER B 134 -9.49 11.22 26.02
CA SER B 134 -9.64 10.06 25.16
C SER B 134 -11.07 10.04 24.64
N VAL B 135 -11.21 10.13 23.33
CA VAL B 135 -12.50 10.07 22.65
C VAL B 135 -12.54 8.73 21.96
N VAL B 136 -13.56 7.91 22.24
CA VAL B 136 -13.61 6.54 21.74
C VAL B 136 -14.77 6.41 20.76
N CYS B 137 -14.50 5.83 19.60
CA CYS B 137 -15.53 5.54 18.61
C CYS B 137 -15.72 4.04 18.51
N LEU B 138 -16.94 3.57 18.74
CA LEU B 138 -17.24 2.14 18.68
C LEU B 138 -18.08 1.80 17.46
N LEU B 139 -17.65 0.77 16.72
CA LEU B 139 -18.42 0.15 15.64
C LEU B 139 -18.78 -1.28 16.09
N ASN B 140 -20.06 -1.61 16.09
CA ASN B 140 -20.50 -2.82 16.79
C ASN B 140 -21.21 -3.83 15.89
N ASN B 141 -20.61 -5.01 15.76
CA ASN B 141 -21.21 -6.17 15.09
C ASN B 141 -21.56 -5.89 13.62
N PHE B 142 -20.51 -5.74 12.82
CA PHE B 142 -20.58 -5.44 11.39
C PHE B 142 -19.81 -6.50 10.60
N TYR B 143 -20.00 -6.49 9.28
CA TYR B 143 -19.28 -7.35 8.35
C TYR B 143 -19.27 -6.64 6.99
N PRO B 144 -18.16 -6.73 6.23
CA PRO B 144 -16.89 -7.38 6.58
C PRO B 144 -15.99 -6.48 7.42
N ARG B 145 -14.73 -6.88 7.65
CA ARG B 145 -13.90 -6.13 8.58
C ARG B 145 -13.56 -4.74 8.05
N GLU B 146 -13.38 -4.61 6.74
CA GLU B 146 -12.84 -3.38 6.16
C GLU B 146 -13.84 -2.23 6.26
N ALA B 147 -13.37 -1.10 6.83
CA ALA B 147 -14.15 0.10 7.05
C ALA B 147 -13.20 1.25 7.30
N LYS B 148 -13.48 2.43 6.77
CA LYS B 148 -12.62 3.59 6.97
C LYS B 148 -13.24 4.45 8.05
N VAL B 149 -12.57 4.52 9.19
CA VAL B 149 -12.97 5.41 10.28
C VAL B 149 -12.08 6.63 10.27
N SER B 150 -12.66 7.81 10.18
CA SER B 150 -11.92 9.05 10.19
C SER B 150 -12.43 9.92 11.32
N TRP B 151 -11.55 10.71 11.89
CA TRP B 151 -11.88 11.60 13.00
C TRP B 151 -11.91 13.03 12.51
N TYR B 152 -12.97 13.76 12.85
CA TYR B 152 -13.16 15.17 12.49
C TYR B 152 -13.37 16.00 13.77
N VAL B 153 -12.53 17.04 13.96
CA VAL B 153 -12.70 18.01 15.05
C VAL B 153 -12.97 19.38 14.46
N ASP B 154 -14.20 19.86 14.58
CA ASP B 154 -14.63 21.13 13.96
C ASP B 154 -14.37 21.08 12.45
N ASN B 155 -14.80 19.96 11.84
CA ASN B 155 -14.66 19.68 10.42
C ASN B 155 -13.19 19.67 9.98
N ALA B 156 -12.28 19.32 10.87
CA ALA B 156 -10.88 19.17 10.55
C ALA B 156 -10.52 17.70 10.63
N LEU B 157 -10.12 17.13 9.50
CA LEU B 157 -9.71 15.73 9.46
C LEU B 157 -8.50 15.51 10.33
N GLN B 158 -8.63 14.67 11.35
CA GLN B 158 -7.52 14.41 12.23
C GLN B 158 -6.72 13.25 11.66
N SER B 159 -5.38 13.33 11.81
CA SER B 159 -4.48 12.25 11.44
C SER B 159 -3.30 12.25 12.40
N GLY B 160 -2.79 11.05 12.68
CA GLY B 160 -1.67 10.87 13.56
C GLY B 160 -2.01 10.72 15.02
N ASN B 161 -3.27 10.94 15.41
CA ASN B 161 -3.64 10.93 16.83
C ASN B 161 -4.72 9.91 17.15
N SER B 162 -4.84 8.83 16.39
CA SER B 162 -5.83 7.81 16.68
C SER B 162 -5.21 6.42 16.60
N GLN B 163 -5.94 5.44 17.11
CA GLN B 163 -5.49 4.07 17.11
C GLN B 163 -6.72 3.18 17.07
N GLU B 164 -6.61 2.05 16.41
CA GLU B 164 -7.73 1.13 16.26
C GLU B 164 -7.41 -0.21 16.89
N SER B 165 -8.47 -0.96 17.14
CA SER B 165 -8.35 -2.32 17.61
C SER B 165 -9.56 -3.06 17.10
N VAL B 166 -9.40 -4.34 16.79
CA VAL B 166 -10.49 -5.04 16.14
C VAL B 166 -10.58 -6.44 16.73
N THR B 167 -11.81 -6.92 16.94
CA THR B 167 -11.98 -8.25 17.48
C THR B 167 -11.84 -9.30 16.40
N GLU B 168 -12.03 -10.53 16.81
CA GLU B 168 -12.13 -11.66 15.92
C GLU B 168 -13.59 -12.07 15.82
N GLN B 169 -13.92 -12.69 14.69
CA GLN B 169 -15.29 -13.02 14.32
C GLN B 169 -16.08 -13.55 15.52
N ASP B 170 -17.21 -12.92 15.81
CA ASP B 170 -18.02 -13.35 16.93
C ASP B 170 -18.45 -14.80 16.74
N SER B 171 -18.44 -15.56 17.83
CA SER B 171 -18.70 -16.99 17.74
C SER B 171 -20.11 -17.30 17.23
N LYS B 172 -21.05 -16.39 17.46
CA LYS B 172 -22.45 -16.59 17.12
C LYS B 172 -22.85 -16.02 15.76
N ASP B 173 -22.58 -14.73 15.52
CA ASP B 173 -23.00 -14.07 14.30
C ASP B 173 -21.83 -13.72 13.39
N SER B 174 -20.65 -14.29 13.63
CA SER B 174 -19.49 -14.11 12.75
C SER B 174 -19.20 -12.65 12.39
N THR B 175 -19.48 -11.70 13.28
CA THR B 175 -19.20 -10.30 12.96
C THR B 175 -18.02 -9.78 13.76
N TYR B 176 -17.51 -8.64 13.31
CA TYR B 176 -16.39 -7.93 13.91
C TYR B 176 -16.94 -6.70 14.61
N SER B 177 -16.14 -6.17 15.54
CA SER B 177 -16.41 -4.93 16.24
C SER B 177 -15.11 -4.15 16.31
N LEU B 178 -15.17 -2.83 16.20
CA LEU B 178 -13.97 -2.03 16.06
C LEU B 178 -14.02 -0.79 16.93
N SER B 179 -12.90 -0.48 17.56
CA SER B 179 -12.78 0.74 18.34
C SER B 179 -11.74 1.63 17.69
N SER B 180 -11.94 2.94 17.80
CA SER B 180 -10.95 3.92 17.37
C SER B 180 -10.85 4.97 18.45
N THR B 181 -9.67 5.14 19.05
CA THR B 181 -9.52 6.10 20.14
C THR B 181 -8.74 7.28 19.62
N LEU B 182 -9.33 8.47 19.66
CA LEU B 182 -8.60 9.70 19.41
C LEU B 182 -8.03 10.23 20.72
N THR B 183 -6.71 10.40 20.81
CA THR B 183 -6.06 10.91 22.02
C THR B 183 -5.58 12.33 21.82
N LEU B 184 -6.04 13.23 22.69
CA LEU B 184 -5.83 14.66 22.58
C LEU B 184 -5.33 15.17 23.92
N SER B 185 -4.80 16.38 23.92
CA SER B 185 -4.49 17.03 25.19
C SER B 185 -5.75 17.69 25.76
N LYS B 186 -5.75 17.89 27.09
CA LYS B 186 -6.86 18.60 27.72
C LYS B 186 -7.04 19.98 27.10
N ALA B 187 -5.93 20.69 26.86
CA ALA B 187 -5.97 21.98 26.16
C ALA B 187 -6.62 21.82 24.79
N ASP B 188 -6.13 20.86 23.99
CA ASP B 188 -6.72 20.68 22.66
C ASP B 188 -8.19 20.33 22.75
N TYR B 189 -8.54 19.37 23.61
CA TYR B 189 -9.95 19.01 23.72
C TYR B 189 -10.82 20.22 24.04
N GLU B 190 -10.40 21.07 24.97
CA GLU B 190 -11.26 22.15 25.41
C GLU B 190 -11.26 23.33 24.45
N LYS B 191 -10.41 23.33 23.42
CA LYS B 191 -10.35 24.45 22.48
C LYS B 191 -11.26 24.27 21.27
N HIS B 192 -11.95 23.14 21.12
CA HIS B 192 -12.90 22.94 20.04
C HIS B 192 -14.23 22.46 20.59
N LYS B 193 -15.28 22.50 19.75
CA LYS B 193 -16.60 22.18 20.29
C LYS B 193 -17.18 20.87 19.76
N VAL B 194 -17.00 20.57 18.47
CA VAL B 194 -17.72 19.47 17.83
C VAL B 194 -16.76 18.41 17.35
N TYR B 195 -16.92 17.20 17.89
CA TYR B 195 -16.11 16.01 17.65
C TYR B 195 -16.97 14.96 16.99
N ALA B 196 -16.48 14.42 15.86
CA ALA B 196 -17.24 13.55 14.99
C ALA B 196 -16.44 12.35 14.52
N CYS B 197 -17.13 11.22 14.42
CA CYS B 197 -16.53 9.94 13.96
C CYS B 197 -17.23 9.51 12.69
N GLU B 198 -16.48 9.26 11.62
CA GLU B 198 -17.02 8.95 10.30
C GLU B 198 -16.69 7.52 9.93
N VAL B 199 -17.71 6.69 9.74
CA VAL B 199 -17.51 5.30 9.32
C VAL B 199 -17.96 5.17 7.88
N THR B 200 -17.02 4.88 6.99
CA THR B 200 -17.38 4.71 5.60
C THR B 200 -17.18 3.26 5.23
N GLN B 201 -18.12 2.71 4.47
CA GLN B 201 -18.02 1.29 4.19
C GLN B 201 -18.84 1.04 2.91
N GLY B 202 -18.18 1.04 1.77
CA GLY B 202 -18.88 0.99 0.50
C GLY B 202 -19.28 2.40 0.08
N THR B 203 -20.55 2.58 -0.24
CA THR B 203 -20.99 3.91 -0.69
C THR B 203 -21.58 4.76 0.44
N THR B 204 -21.57 4.28 1.68
CA THR B 204 -22.31 4.90 2.77
C THR B 204 -21.34 5.39 3.81
N SER B 205 -21.66 6.52 4.44
CA SER B 205 -20.86 7.04 5.55
C SER B 205 -21.82 7.48 6.63
N VAL B 206 -21.89 6.70 7.70
CA VAL B 206 -22.50 7.12 8.95
C VAL B 206 -21.48 7.97 9.70
N THR B 207 -21.94 9.05 10.32
CA THR B 207 -21.10 9.88 11.17
C THR B 207 -21.87 10.17 12.46
N LYS B 208 -21.34 9.71 13.59
CA LYS B 208 -21.82 10.05 14.92
C LYS B 208 -20.97 11.19 15.49
N SER B 209 -21.57 12.04 16.31
CA SER B 209 -20.80 13.20 16.76
C SER B 209 -21.35 13.75 18.08
N PHE B 210 -20.59 14.66 18.71
CA PHE B 210 -21.09 15.29 19.94
C PHE B 210 -20.51 16.68 20.11
N ASN B 211 -21.22 17.48 20.88
CA ASN B 211 -20.82 18.84 21.19
C ASN B 211 -20.40 18.93 22.65
N ARG B 212 -19.15 19.37 22.87
CA ARG B 212 -18.55 19.34 24.21
C ARG B 212 -19.50 19.87 25.29
N GLY B 213 -20.34 20.84 24.97
CA GLY B 213 -21.43 21.16 25.89
C GLY B 213 -22.74 20.62 25.32
N GLU B 214 -23.27 19.55 25.92
CA GLU B 214 -24.62 18.99 25.68
C GLU B 214 -24.79 17.62 26.36
N GLU C 1 7.75 41.12 -8.53
CA GLU C 1 7.44 40.07 -9.51
C GLU C 1 7.05 38.77 -8.77
N VAL C 2 5.83 38.29 -8.97
CA VAL C 2 5.43 37.06 -8.31
C VAL C 2 6.20 35.90 -8.90
N GLN C 3 6.79 35.08 -8.03
CA GLN C 3 7.52 33.92 -8.49
C GLN C 3 7.18 32.75 -7.56
N LEU C 4 7.02 31.56 -8.13
CA LEU C 4 6.75 30.34 -7.37
C LEU C 4 7.82 29.31 -7.73
N VAL C 5 8.55 28.81 -6.74
CA VAL C 5 9.63 27.86 -6.94
C VAL C 5 9.30 26.58 -6.21
N GLU C 6 9.18 25.48 -6.95
CA GLU C 6 8.97 24.21 -6.28
C GLU C 6 10.26 23.42 -6.23
N SER C 7 10.23 22.38 -5.42
CA SER C 7 11.37 21.51 -5.22
C SER C 7 10.85 20.28 -4.51
N GLY C 8 11.73 19.29 -4.34
CA GLY C 8 11.49 18.18 -3.46
C GLY C 8 11.01 16.91 -4.13
N GLY C 9 10.52 17.00 -5.34
CA GLY C 9 10.05 15.82 -6.02
C GLY C 9 11.15 14.90 -6.49
N GLY C 10 10.74 13.68 -6.81
CA GLY C 10 11.64 12.67 -7.30
C GLY C 10 11.08 11.28 -7.04
N LEU C 11 12.00 10.32 -6.98
CA LEU C 11 11.66 8.90 -6.84
C LEU C 11 11.42 8.55 -5.38
N VAL C 12 10.38 7.74 -5.15
CA VAL C 12 10.00 7.30 -3.81
C VAL C 12 9.28 5.96 -3.91
N GLN C 13 9.39 5.12 -2.83
CA GLN C 13 8.69 3.85 -2.78
C GLN C 13 7.31 3.99 -2.14
N PRO C 14 6.38 3.08 -2.44
CA PRO C 14 5.12 3.07 -1.70
C PRO C 14 5.39 2.87 -0.23
N GLY C 15 4.72 3.65 0.61
CA GLY C 15 5.07 3.54 2.01
C GLY C 15 6.25 4.42 2.40
N GLY C 16 7.11 4.75 1.44
CA GLY C 16 8.03 5.86 1.63
C GLY C 16 7.24 7.17 1.61
N SER C 17 7.98 8.27 1.75
CA SER C 17 7.31 9.56 1.82
C SER C 17 8.21 10.64 1.26
N LEU C 18 7.57 11.75 0.87
CA LEU C 18 8.22 12.89 0.26
C LEU C 18 7.53 14.16 0.69
N ARG C 19 8.29 15.24 0.70
CA ARG C 19 7.80 16.57 1.05
C ARG C 19 8.15 17.54 -0.07
N LEU C 20 7.13 18.20 -0.62
CA LEU C 20 7.31 19.20 -1.67
C LEU C 20 7.29 20.58 -1.03
N SER C 21 8.10 21.48 -1.57
CA SER C 21 8.13 22.85 -1.12
C SER C 21 7.62 23.74 -2.24
N CYS C 22 7.18 24.94 -1.86
CA CYS C 22 6.74 25.93 -2.82
C CYS C 22 7.04 27.29 -2.21
N ALA C 23 8.20 27.83 -2.51
CA ALA C 23 8.63 29.11 -1.95
C ALA C 23 8.10 30.22 -2.86
N ALA C 24 7.51 31.26 -2.27
CA ALA C 24 6.87 32.33 -3.00
C ALA C 24 7.67 33.61 -2.84
N SER C 25 7.92 34.30 -3.95
CA SER C 25 8.50 35.62 -3.99
C SER C 25 7.46 36.58 -4.59
N GLY C 26 7.46 37.84 -4.10
CA GLY C 26 6.60 38.86 -4.68
C GLY C 26 5.25 39.08 -4.02
N PHE C 27 4.90 38.30 -2.99
CA PHE C 27 3.60 38.45 -2.35
C PHE C 27 3.63 37.68 -1.03
N THR C 28 2.59 37.90 -0.23
CA THR C 28 2.49 37.28 1.09
C THR C 28 1.52 36.11 1.02
N ILE C 29 2.01 34.92 1.38
CA ILE C 29 1.14 33.75 1.40
C ILE C 29 -0.01 33.91 2.37
N TYR C 30 0.21 34.63 3.48
CA TYR C 30 -0.88 34.78 4.45
C TYR C 30 -2.13 35.35 3.79
N TYR C 31 -1.96 36.33 2.91
CA TYR C 31 -3.08 36.96 2.21
C TYR C 31 -3.56 36.19 0.97
N SER C 32 -3.05 34.98 0.69
CA SER C 32 -3.45 34.31 -0.54
C SER C 32 -3.61 32.83 -0.32
N SER C 33 -4.60 32.23 -0.97
CA SER C 33 -4.76 30.80 -0.95
C SER C 33 -3.87 30.15 -1.99
N MET C 34 -3.30 29.01 -1.62
CA MET C 34 -2.35 28.28 -2.46
C MET C 34 -2.89 26.89 -2.69
N HIS C 35 -2.67 26.36 -3.88
CA HIS C 35 -3.21 25.05 -4.24
C HIS C 35 -2.13 24.23 -4.91
N TRP C 36 -2.22 22.92 -4.74
CA TRP C 36 -1.37 21.98 -5.44
C TRP C 36 -2.24 21.29 -6.50
N VAL C 37 -1.74 21.27 -7.74
CA VAL C 37 -2.41 20.63 -8.89
C VAL C 37 -1.45 19.61 -9.51
N ARG C 38 -1.93 18.42 -9.79
CA ARG C 38 -1.06 17.44 -10.41
C ARG C 38 -1.48 17.19 -11.84
N GLN C 39 -0.52 16.71 -12.63
CA GLN C 39 -0.75 16.27 -14.00
C GLN C 39 -0.02 14.95 -14.14
N ALA C 40 -0.78 13.87 -14.29
CA ALA C 40 -0.14 12.60 -14.60
C ALA C 40 0.37 12.64 -16.05
N PRO C 41 1.39 11.85 -16.39
CA PRO C 41 1.95 11.92 -17.74
C PRO C 41 0.90 11.71 -18.81
N GLY C 42 0.85 12.64 -19.76
CA GLY C 42 -0.07 12.51 -20.88
C GLY C 42 -1.53 12.74 -20.58
N LYS C 43 -1.88 13.22 -19.37
CA LYS C 43 -3.26 13.46 -18.96
C LYS C 43 -3.41 14.92 -18.53
N GLY C 44 -4.60 15.26 -18.02
CA GLY C 44 -4.92 16.62 -17.66
C GLY C 44 -4.61 16.96 -16.21
N LEU C 45 -5.10 18.12 -15.79
CA LEU C 45 -4.81 18.66 -14.47
C LEU C 45 -5.76 18.11 -13.40
N GLU C 46 -5.21 17.79 -12.23
CA GLU C 46 -6.01 17.26 -11.14
C GLU C 46 -5.74 18.07 -9.86
N TRP C 47 -6.80 18.54 -9.21
CA TRP C 47 -6.63 19.27 -7.98
C TRP C 47 -6.26 18.32 -6.84
N VAL C 48 -5.41 18.80 -5.93
CA VAL C 48 -4.90 17.98 -4.84
C VAL C 48 -5.23 18.59 -3.48
N ALA C 49 -4.88 19.85 -3.28
CA ALA C 49 -5.00 20.40 -1.94
C ALA C 49 -4.99 21.92 -1.97
N SER C 50 -5.51 22.51 -0.91
CA SER C 50 -5.57 23.96 -0.82
C SER C 50 -5.34 24.37 0.61
N ILE C 51 -4.85 25.59 0.78
CA ILE C 51 -4.59 26.12 2.10
C ILE C 51 -4.80 27.62 2.04
N SER C 52 -5.41 28.15 3.09
CA SER C 52 -5.58 29.59 3.30
C SER C 52 -5.09 29.91 4.71
N SER C 53 -3.88 30.45 4.82
CA SER C 53 -3.41 30.95 6.11
C SER C 53 -4.38 31.96 6.70
N TYR C 54 -4.99 32.78 5.83
CA TYR C 54 -5.83 33.88 6.28
C TYR C 54 -7.07 33.39 7.01
N TYR C 55 -7.89 32.60 6.31
CA TYR C 55 -9.13 32.08 6.89
C TYR C 55 -8.90 30.84 7.74
N GLY C 56 -7.75 30.20 7.60
CA GLY C 56 -7.41 29.03 8.38
C GLY C 56 -8.21 27.81 7.99
N TYR C 57 -8.01 27.30 6.78
CA TYR C 57 -8.67 26.07 6.38
C TYR C 57 -7.68 25.28 5.56
N THR C 58 -7.87 23.97 5.55
CA THR C 58 -6.96 23.04 4.90
C THR C 58 -7.82 22.04 4.11
N TYR C 59 -7.83 22.13 2.78
CA TYR C 59 -8.77 21.38 1.95
C TYR C 59 -8.05 20.39 1.06
N TYR C 60 -8.57 19.15 0.99
CA TYR C 60 -7.96 18.07 0.20
C TYR C 60 -8.94 17.44 -0.79
N ALA C 61 -8.42 16.98 -1.90
CA ALA C 61 -9.19 16.11 -2.77
C ALA C 61 -9.45 14.78 -2.08
N ASP C 62 -10.56 14.12 -2.43
CA ASP C 62 -10.81 12.80 -1.85
C ASP C 62 -9.73 11.80 -2.25
N SER C 63 -9.07 11.99 -3.39
CA SER C 63 -8.13 10.95 -3.82
C SER C 63 -6.90 10.90 -2.94
N VAL C 64 -6.64 11.94 -2.14
CA VAL C 64 -5.49 11.94 -1.23
C VAL C 64 -5.88 12.13 0.22
N LYS C 65 -7.17 12.26 0.53
CA LYS C 65 -7.59 12.50 1.91
C LYS C 65 -6.93 11.47 2.82
N GLY C 66 -6.22 11.97 3.84
CA GLY C 66 -5.64 11.09 4.83
C GLY C 66 -4.31 10.47 4.46
N ARG C 67 -3.66 10.93 3.38
CA ARG C 67 -2.33 10.50 2.95
C ARG C 67 -1.43 11.70 2.73
N PHE C 68 -1.99 12.81 2.28
CA PHE C 68 -1.24 14.03 2.03
C PHE C 68 -1.74 15.09 2.99
N THR C 69 -0.84 15.95 3.44
CA THR C 69 -1.24 17.10 4.25
C THR C 69 -0.57 18.34 3.70
N ILE C 70 -1.33 19.42 3.65
CA ILE C 70 -0.87 20.72 3.21
C ILE C 70 -0.52 21.56 4.45
N SER C 71 0.43 22.49 4.32
CA SER C 71 0.96 23.29 5.43
C SER C 71 1.53 24.58 4.87
N ALA C 72 1.89 25.51 5.75
CA ALA C 72 2.53 26.73 5.27
C ALA C 72 3.34 27.37 6.38
N ASP C 73 4.33 28.16 5.96
CA ASP C 73 5.21 28.91 6.86
C ASP C 73 5.14 30.38 6.42
N THR C 74 4.28 31.15 7.08
CA THR C 74 4.11 32.57 6.72
C THR C 74 5.41 33.33 6.78
N SER C 75 6.28 32.97 7.74
CA SER C 75 7.59 33.59 7.87
C SER C 75 8.45 33.37 6.62
N LYS C 76 8.53 32.12 6.15
CA LYS C 76 9.33 31.77 4.99
C LYS C 76 8.53 31.80 3.67
N ASN C 77 7.31 32.35 3.65
CA ASN C 77 6.43 32.36 2.48
C ASN C 77 6.41 31.06 1.69
N THR C 78 6.35 29.93 2.38
CA THR C 78 6.56 28.63 1.76
C THR C 78 5.42 27.69 2.11
N ALA C 79 4.88 27.00 1.13
CA ALA C 79 3.80 26.05 1.39
C ALA C 79 4.32 24.65 1.11
N TYR C 80 3.93 23.71 1.96
CA TYR C 80 4.39 22.33 1.83
C TYR C 80 3.23 21.41 1.49
N LEU C 81 3.55 20.35 0.77
CA LEU C 81 2.67 19.20 0.60
C LEU C 81 3.46 18.00 1.07
N GLN C 82 3.07 17.42 2.20
CA GLN C 82 3.69 16.20 2.73
C GLN C 82 2.99 14.99 2.15
N MET C 83 3.73 14.08 1.52
CA MET C 83 3.13 12.93 0.84
C MET C 83 3.52 11.64 1.54
N ASN C 84 2.54 10.99 2.16
CA ASN C 84 2.72 9.70 2.79
C ASN C 84 1.77 8.71 2.13
N SER C 85 1.96 7.43 2.44
CA SER C 85 1.20 6.31 1.86
C SER C 85 1.02 6.45 0.36
N LEU C 86 2.14 6.52 -0.36
CA LEU C 86 2.12 6.83 -1.80
C LEU C 86 1.71 5.60 -2.61
N ARG C 87 0.92 5.78 -3.69
CA ARG C 87 0.40 4.59 -4.38
C ARG C 87 0.98 4.45 -5.78
N ALA C 88 0.35 4.99 -6.82
CA ALA C 88 0.88 4.89 -8.18
C ALA C 88 0.33 6.04 -8.99
N GLU C 89 -0.97 6.29 -8.84
CA GLU C 89 -1.65 7.41 -9.46
C GLU C 89 -1.01 8.71 -9.01
N ASP C 90 -0.18 8.66 -7.98
CA ASP C 90 0.53 9.82 -7.47
C ASP C 90 1.73 10.20 -8.32
N THR C 91 2.15 9.33 -9.25
CA THR C 91 3.14 9.67 -10.28
C THR C 91 2.54 10.75 -11.20
N ALA C 92 3.12 11.94 -11.14
CA ALA C 92 2.59 13.09 -11.84
C ALA C 92 3.55 14.22 -11.58
N VAL C 93 3.39 15.30 -12.35
CA VAL C 93 4.05 16.58 -12.07
C VAL C 93 3.13 17.40 -11.19
N TYR C 94 3.66 17.86 -10.05
CA TYR C 94 2.88 18.61 -9.06
C TYR C 94 3.24 20.09 -9.19
N TYR C 95 2.24 20.93 -9.42
CA TYR C 95 2.38 22.37 -9.51
C TYR C 95 1.72 22.99 -8.30
N CYS C 96 2.28 24.12 -7.83
CA CYS C 96 1.57 24.99 -6.88
C CYS C 96 1.19 26.27 -7.59
N ALA C 97 -0.02 26.75 -7.28
CA ALA C 97 -0.66 27.87 -7.95
C ALA C 97 -1.26 28.80 -6.90
N ARG C 98 -1.37 30.07 -7.24
CA ARG C 98 -1.90 31.07 -6.34
C ARG C 98 -3.32 31.40 -6.77
N TYR C 99 -4.25 31.38 -5.79
CA TYR C 99 -5.65 31.80 -5.96
C TYR C 99 -6.51 30.75 -6.66
N TYR C 100 -7.83 30.89 -6.61
CA TYR C 100 -8.72 29.89 -7.19
C TYR C 100 -8.74 29.97 -8.72
N ALA C 101 -8.93 31.17 -9.28
CA ALA C 101 -8.44 31.45 -10.63
C ALA C 101 -6.92 31.57 -10.51
N MET C 102 -6.20 30.54 -10.97
CA MET C 102 -4.77 30.41 -10.68
C MET C 102 -3.94 31.27 -11.62
N ASP C 103 -3.49 32.42 -11.11
CA ASP C 103 -2.81 33.38 -11.97
C ASP C 103 -1.30 33.23 -12.03
N TYR C 104 -0.67 32.59 -11.06
CA TYR C 104 0.77 32.35 -11.09
C TYR C 104 1.05 30.89 -10.77
N TRP C 105 1.92 30.27 -11.54
CA TRP C 105 2.20 28.86 -11.35
C TRP C 105 3.69 28.63 -11.12
N GLY C 106 4.02 27.59 -10.36
CA GLY C 106 5.39 27.13 -10.26
C GLY C 106 5.77 26.40 -11.53
N GLN C 107 7.04 26.01 -11.64
CA GLN C 107 7.47 25.41 -12.89
C GLN C 107 7.07 23.94 -12.96
N GLY C 108 6.81 23.34 -11.82
CA GLY C 108 6.45 21.95 -11.66
C GLY C 108 7.52 21.14 -10.95
N THR C 109 7.10 20.03 -10.35
CA THR C 109 8.04 19.08 -9.82
C THR C 109 7.48 17.69 -10.04
N LEU C 110 8.34 16.76 -10.42
CA LEU C 110 7.93 15.43 -10.84
C LEU C 110 8.12 14.45 -9.68
N VAL C 111 7.05 13.77 -9.29
CA VAL C 111 7.10 12.74 -8.27
C VAL C 111 6.83 11.38 -8.92
N THR C 112 7.78 10.46 -8.80
CA THR C 112 7.73 9.13 -9.41
C THR C 112 7.62 8.06 -8.33
N VAL C 113 6.55 7.26 -8.37
CA VAL C 113 6.33 6.21 -7.37
C VAL C 113 6.73 4.86 -7.95
N PHE C 114 7.73 4.22 -7.38
CA PHE C 114 8.27 3.00 -7.97
C PHE C 114 8.20 1.85 -6.98
N ASN C 115 7.80 0.67 -7.48
CA ASN C 115 7.87 -0.57 -6.70
C ASN C 115 9.20 -1.28 -6.91
N GLN C 116 9.69 -1.26 -8.14
CA GLN C 116 10.89 -1.98 -8.57
C GLN C 116 11.65 -1.04 -9.50
N ILE C 117 12.96 -1.18 -9.54
CA ILE C 117 13.77 -0.43 -10.49
C ILE C 117 14.41 -1.42 -11.46
N LYS C 118 14.06 -1.32 -12.73
CA LYS C 118 14.53 -2.21 -13.79
C LYS C 118 14.98 -1.41 -15.00
N GLY C 119 16.22 -1.63 -15.44
CA GLY C 119 16.70 -1.09 -16.70
C GLY C 119 16.23 -1.90 -17.90
N PRO C 120 16.26 -1.29 -19.09
CA PRO C 120 15.56 -1.88 -20.24
C PRO C 120 16.39 -2.90 -20.97
N SER C 121 15.70 -3.82 -21.65
CA SER C 121 16.31 -4.61 -22.70
C SER C 121 16.10 -3.91 -24.04
N VAL C 122 17.14 -3.91 -24.88
CA VAL C 122 17.10 -3.21 -26.16
C VAL C 122 17.22 -4.21 -27.30
N PHE C 123 16.33 -4.10 -28.27
CA PHE C 123 16.36 -5.02 -29.38
C PHE C 123 16.40 -4.23 -30.67
N PRO C 124 17.12 -4.73 -31.67
CA PRO C 124 17.28 -3.97 -32.91
C PRO C 124 16.04 -4.13 -33.79
N LEU C 125 15.54 -3.00 -34.27
CA LEU C 125 14.49 -2.97 -35.27
C LEU C 125 15.18 -2.84 -36.61
N ALA C 126 15.53 -3.99 -37.17
CA ALA C 126 16.48 -4.08 -38.26
C ALA C 126 15.98 -3.34 -39.49
N PRO C 127 16.91 -2.65 -40.24
CA PRO C 127 16.58 -1.89 -41.46
C PRO C 127 16.44 -2.80 -42.65
N SER C 128 15.57 -3.79 -42.54
CA SER C 128 15.50 -4.77 -43.61
C SER C 128 15.10 -4.09 -44.93
N SER C 129 15.21 -4.84 -46.03
N SER C 129 15.22 -4.85 -46.03
CA SER C 129 14.48 -4.38 -47.20
CA SER C 129 14.49 -4.42 -47.21
C SER C 129 12.98 -4.31 -46.89
C SER C 129 12.99 -4.33 -46.90
N LYS C 130 12.52 -5.08 -45.89
CA LYS C 130 11.16 -4.94 -45.36
C LYS C 130 11.00 -3.62 -44.62
N SER C 131 12.12 -2.90 -44.46
CA SER C 131 12.19 -1.53 -43.98
C SER C 131 12.77 -0.57 -45.03
N THR C 132 12.30 -0.69 -46.27
CA THR C 132 12.88 0.05 -47.39
C THR C 132 11.75 0.51 -48.32
N SER C 133 11.93 1.69 -48.93
CA SER C 133 11.02 2.15 -49.98
C SER C 133 11.77 2.37 -51.30
N GLY C 134 12.81 1.56 -51.58
CA GLY C 134 13.63 1.80 -52.74
C GLY C 134 14.85 2.66 -52.45
N GLY C 135 14.60 3.83 -51.83
CA GLY C 135 15.65 4.75 -51.45
C GLY C 135 15.43 5.48 -50.13
N THR C 136 14.38 5.12 -49.39
CA THR C 136 14.26 5.58 -48.00
C THR C 136 14.00 4.36 -47.14
N ALA C 137 14.84 4.16 -46.15
CA ALA C 137 14.71 2.99 -45.31
C ALA C 137 14.60 3.41 -43.85
N ALA C 138 13.87 2.62 -43.07
CA ALA C 138 13.64 2.92 -41.66
C ALA C 138 14.17 1.79 -40.80
N LEU C 139 14.86 2.17 -39.72
CA LEU C 139 15.36 1.24 -38.73
C LEU C 139 15.10 1.82 -37.34
N GLY C 140 15.43 1.07 -36.30
CA GLY C 140 15.28 1.61 -34.96
C GLY C 140 15.56 0.63 -33.83
N CYS C 141 15.09 1.03 -32.64
CA CYS C 141 15.32 0.37 -31.35
C CYS C 141 14.02 0.09 -30.60
N LEU C 142 13.90 -1.10 -30.02
CA LEU C 142 12.78 -1.46 -29.15
C LEU C 142 13.30 -1.53 -27.72
N VAL C 143 12.83 -0.61 -26.89
CA VAL C 143 13.22 -0.53 -25.48
C VAL C 143 12.14 -1.21 -24.64
N LYS C 144 12.44 -2.39 -24.11
CA LYS C 144 11.43 -3.24 -23.52
C LYS C 144 11.69 -3.48 -22.03
N ASP C 145 10.62 -3.46 -21.23
CA ASP C 145 10.58 -3.96 -19.84
C ASP C 145 11.46 -3.17 -18.88
N TYR C 146 11.22 -1.88 -18.79
CA TYR C 146 11.88 -1.04 -17.80
C TYR C 146 10.84 -0.41 -16.89
N PHE C 147 11.32 0.04 -15.72
CA PHE C 147 10.50 0.70 -14.72
C PHE C 147 11.44 1.42 -13.77
N PRO C 148 11.11 2.62 -13.31
CA PRO C 148 10.04 3.44 -13.84
C PRO C 148 10.53 4.22 -15.04
N GLU C 149 9.71 5.13 -15.48
CA GLU C 149 10.05 6.06 -16.54
C GLU C 149 10.98 7.13 -15.98
N PRO C 150 11.73 7.83 -16.85
CA PRO C 150 11.78 7.69 -18.28
C PRO C 150 13.03 7.05 -18.83
N VAL C 151 12.98 6.85 -20.14
CA VAL C 151 14.12 6.41 -20.92
C VAL C 151 14.35 7.46 -22.00
N THR C 152 15.62 7.75 -22.23
CA THR C 152 16.01 8.71 -23.24
C THR C 152 16.73 7.96 -24.36
N VAL C 153 16.33 8.23 -25.60
CA VAL C 153 16.93 7.59 -26.76
C VAL C 153 17.51 8.68 -27.64
N SER C 154 18.79 8.53 -27.96
CA SER C 154 19.46 9.36 -28.94
C SER C 154 20.02 8.44 -30.01
N TRP C 155 20.45 8.99 -31.14
CA TRP C 155 20.96 8.15 -32.21
C TRP C 155 22.36 8.62 -32.57
N ASN C 156 23.29 7.67 -32.64
CA ASN C 156 24.67 7.95 -32.98
C ASN C 156 25.22 9.05 -32.08
N SER C 157 24.96 8.90 -30.77
CA SER C 157 25.47 9.79 -29.71
C SER C 157 24.96 11.22 -29.81
N GLY C 158 23.75 11.40 -30.35
CA GLY C 158 23.12 12.70 -30.50
C GLY C 158 23.35 13.38 -31.83
N ALA C 159 24.14 12.77 -32.74
CA ALA C 159 24.41 13.39 -34.03
C ALA C 159 23.23 13.29 -35.00
N LEU C 160 22.62 12.10 -35.11
CA LEU C 160 21.44 11.87 -35.94
C LEU C 160 20.20 12.36 -35.21
N THR C 161 19.56 13.40 -35.73
CA THR C 161 18.34 13.84 -35.05
C THR C 161 17.18 13.96 -36.03
N SER C 162 17.51 14.33 -37.28
CA SER C 162 16.50 14.51 -38.32
C SER C 162 15.88 13.19 -38.70
N GLY C 163 14.55 13.15 -38.65
CA GLY C 163 13.84 11.95 -38.98
C GLY C 163 13.75 10.97 -37.85
N VAL C 164 14.12 11.36 -36.65
CA VAL C 164 14.03 10.44 -35.53
C VAL C 164 12.65 10.57 -34.90
N HIS C 165 12.06 9.45 -34.51
CA HIS C 165 10.80 9.45 -33.79
C HIS C 165 10.96 8.53 -32.60
N THR C 166 10.95 9.08 -31.40
CA THR C 166 10.82 8.24 -30.23
C THR C 166 9.37 8.27 -29.79
N PHE C 167 8.81 7.10 -29.57
CA PHE C 167 7.40 7.09 -29.26
C PHE C 167 7.18 7.14 -27.77
N PRO C 168 6.00 7.61 -27.35
CA PRO C 168 5.64 7.54 -25.92
C PRO C 168 5.60 6.12 -25.41
N ALA C 169 6.02 5.94 -24.17
CA ALA C 169 6.03 4.60 -23.61
C ALA C 169 4.60 4.13 -23.29
N VAL C 170 4.42 2.81 -23.29
CA VAL C 170 3.15 2.23 -22.90
C VAL C 170 3.44 1.29 -21.75
N LEU C 171 2.61 1.35 -20.73
CA LEU C 171 2.65 0.34 -19.69
C LEU C 171 2.06 -0.94 -20.27
N GLN C 172 2.82 -2.03 -20.20
CA GLN C 172 2.25 -3.27 -20.72
C GLN C 172 1.53 -4.01 -19.60
N SER C 173 0.81 -5.05 -19.98
CA SER C 173 0.08 -5.83 -18.99
C SER C 173 0.99 -6.28 -17.83
N SER C 174 2.24 -6.62 -18.14
CA SER C 174 3.19 -7.05 -17.13
C SER C 174 3.52 -5.97 -16.12
N GLY C 175 3.19 -4.71 -16.39
CA GLY C 175 3.50 -3.63 -15.46
C GLY C 175 4.80 -2.90 -15.72
N LEU C 176 5.54 -3.27 -16.74
CA LEU C 176 6.74 -2.57 -17.12
C LEU C 176 6.43 -1.71 -18.33
N TYR C 177 7.32 -0.78 -18.62
CA TYR C 177 7.16 0.08 -19.79
C TYR C 177 7.80 -0.56 -21.03
N SER C 178 7.57 0.06 -22.17
CA SER C 178 8.01 -0.45 -23.46
C SER C 178 7.96 0.71 -24.43
N LEU C 179 8.92 0.78 -25.35
CA LEU C 179 9.02 1.93 -26.23
C LEU C 179 9.83 1.57 -27.47
N SER C 180 9.67 2.35 -28.53
CA SER C 180 10.52 2.24 -29.71
C SER C 180 11.03 3.59 -30.12
N SER C 181 12.25 3.61 -30.57
CA SER C 181 12.76 4.71 -31.35
C SER C 181 12.96 4.19 -32.78
N VAL C 182 12.50 4.97 -33.75
CA VAL C 182 12.73 4.66 -35.16
C VAL C 182 13.29 5.90 -35.82
N VAL C 183 14.05 5.69 -36.89
CA VAL C 183 14.59 6.79 -37.71
C VAL C 183 14.60 6.31 -39.17
N THR C 184 14.29 7.21 -40.07
CA THR C 184 14.33 6.94 -41.50
C THR C 184 15.59 7.53 -42.15
N VAL C 185 16.20 6.73 -43.02
CA VAL C 185 17.53 7.00 -43.59
C VAL C 185 17.55 6.58 -45.05
N PRO C 186 18.43 7.20 -45.84
CA PRO C 186 18.65 6.73 -47.20
C PRO C 186 19.20 5.31 -47.26
N SER C 187 18.62 4.49 -48.15
CA SER C 187 19.07 3.12 -48.35
C SER C 187 20.52 3.04 -48.82
N SER C 188 21.00 4.05 -49.54
CA SER C 188 22.36 4.01 -50.06
C SER C 188 23.39 3.84 -48.94
N SER C 189 23.28 4.65 -47.90
CA SER C 189 24.15 4.55 -46.72
C SER C 189 23.54 3.59 -45.70
N LEU C 190 23.59 2.30 -46.00
CA LEU C 190 23.12 1.26 -45.09
C LEU C 190 24.20 0.25 -44.75
N GLY C 191 24.87 -0.28 -45.74
CA GLY C 191 26.03 -1.10 -45.47
C GLY C 191 27.31 -0.33 -45.27
N THR C 192 27.25 1.01 -45.32
CA THR C 192 28.43 1.85 -45.12
C THR C 192 28.33 2.71 -43.87
N GLN C 193 27.14 3.14 -43.48
CA GLN C 193 26.95 3.96 -42.29
C GLN C 193 26.41 3.13 -41.12
N THR C 194 27.03 3.24 -39.95
CA THR C 194 26.55 2.46 -38.83
C THR C 194 25.59 3.31 -38.02
N TYR C 195 24.51 2.69 -37.52
CA TYR C 195 23.51 3.37 -36.70
C TYR C 195 23.49 2.72 -35.32
N ILE C 196 23.79 3.50 -34.28
CA ILE C 196 23.69 3.03 -32.89
C ILE C 196 22.63 3.84 -32.14
N CYS C 197 21.74 3.18 -31.44
CA CYS C 197 20.90 3.96 -30.55
C CYS C 197 21.45 3.89 -29.14
N ASN C 198 21.31 4.98 -28.42
CA ASN C 198 21.86 5.12 -27.07
C ASN C 198 20.66 5.27 -26.14
N VAL C 199 20.24 4.21 -25.45
CA VAL C 199 19.12 4.33 -24.52
C VAL C 199 19.68 4.52 -23.14
N ASN C 200 19.21 5.54 -22.46
CA ASN C 200 19.75 5.96 -21.19
C ASN C 200 18.60 5.92 -20.21
N HIS C 201 18.77 5.16 -19.12
CA HIS C 201 17.76 4.95 -18.10
C HIS C 201 18.30 5.47 -16.78
N LYS C 202 18.09 6.75 -16.48
CA LYS C 202 18.68 7.29 -15.26
C LYS C 202 18.22 6.58 -13.98
N PRO C 203 16.93 6.22 -13.77
CA PRO C 203 16.54 5.59 -12.51
C PRO C 203 17.30 4.33 -12.15
N SER C 204 17.90 3.64 -13.13
CA SER C 204 18.68 2.43 -12.83
C SER C 204 20.16 2.63 -13.11
N ASN C 205 20.53 3.86 -13.44
CA ASN C 205 21.89 4.24 -13.81
C ASN C 205 22.51 3.23 -14.78
N THR C 206 21.82 3.06 -15.92
CA THR C 206 22.22 2.16 -16.98
C THR C 206 22.13 2.92 -18.30
N LYS C 207 23.14 2.80 -19.13
CA LYS C 207 23.09 3.29 -20.50
C LYS C 207 23.27 2.06 -21.40
N VAL C 208 22.36 1.84 -22.35
CA VAL C 208 22.53 0.75 -23.31
C VAL C 208 22.83 1.35 -24.66
N ASP C 209 23.88 0.86 -25.32
CA ASP C 209 24.28 1.30 -26.65
C ASP C 209 24.23 0.07 -27.54
N LYS C 210 23.24 -0.01 -28.44
CA LYS C 210 23.08 -1.18 -29.30
C LYS C 210 23.18 -0.76 -30.76
N LYS C 211 23.92 -1.55 -31.55
CA LYS C 211 24.12 -1.27 -32.96
C LYS C 211 23.05 -1.96 -33.79
N VAL C 212 22.31 -1.19 -34.57
CA VAL C 212 21.28 -1.71 -35.47
C VAL C 212 21.90 -1.93 -36.84
N GLU C 213 22.06 -3.17 -37.26
CA GLU C 213 22.64 -3.50 -38.55
C GLU C 213 21.64 -4.31 -39.37
N PRO C 214 21.78 -4.32 -40.70
CA PRO C 214 20.95 -5.19 -41.53
C PRO C 214 21.11 -6.65 -41.14
N LYS C 215 20.08 -7.44 -41.42
CA LYS C 215 20.04 -8.84 -41.05
C LYS C 215 20.33 -9.70 -42.28
N SER C 216 21.13 -10.75 -42.09
CA SER C 216 21.60 -11.65 -43.18
C SER C 216 22.24 -10.93 -44.37
N ASP D 1 -18.15 17.18 -6.47
CA ASP D 1 -17.33 17.32 -7.67
C ASP D 1 -18.17 17.59 -8.89
N ILE D 2 -18.40 18.89 -9.13
CA ILE D 2 -19.13 19.31 -10.31
C ILE D 2 -18.27 19.00 -11.53
N GLN D 3 -18.75 18.05 -12.34
CA GLN D 3 -18.04 17.62 -13.52
C GLN D 3 -18.07 18.70 -14.60
N MET D 4 -16.95 18.84 -15.33
CA MET D 4 -16.79 19.77 -16.42
C MET D 4 -16.53 18.95 -17.70
N THR D 5 -17.56 18.77 -18.55
CA THR D 5 -17.42 17.99 -19.77
C THR D 5 -16.95 18.93 -20.89
N GLN D 6 -15.69 18.76 -21.28
CA GLN D 6 -15.04 19.62 -22.28
C GLN D 6 -15.09 19.01 -23.67
N SER D 7 -15.36 19.86 -24.65
CA SER D 7 -15.49 19.44 -26.02
C SER D 7 -14.97 20.49 -26.98
N PRO D 8 -14.29 20.08 -28.09
CA PRO D 8 -13.92 18.70 -28.42
C PRO D 8 -12.67 18.33 -27.65
N SER D 9 -12.20 17.09 -27.74
CA SER D 9 -10.94 16.81 -27.06
C SER D 9 -9.75 17.17 -27.94
N SER D 10 -9.98 17.36 -29.25
CA SER D 10 -8.95 17.87 -30.16
C SER D 10 -9.65 18.49 -31.35
N LEU D 11 -9.00 19.49 -31.95
CA LEU D 11 -9.47 20.01 -33.22
C LEU D 11 -8.29 20.54 -34.03
N SER D 12 -8.41 20.48 -35.36
CA SER D 12 -7.39 21.00 -36.25
C SER D 12 -7.87 22.34 -36.80
N ALA D 13 -6.99 23.32 -36.80
CA ALA D 13 -7.38 24.63 -37.28
C ALA D 13 -6.23 25.29 -38.02
N SER D 14 -6.56 26.20 -38.90
CA SER D 14 -5.58 27.00 -39.63
C SER D 14 -5.41 28.35 -38.93
N VAL D 15 -4.36 29.07 -39.31
CA VAL D 15 -4.15 30.42 -38.79
C VAL D 15 -5.17 31.37 -39.40
N GLY D 16 -5.80 32.18 -38.55
CA GLY D 16 -6.89 33.05 -38.90
C GLY D 16 -8.25 32.51 -38.54
N ASP D 17 -8.36 31.19 -38.32
CA ASP D 17 -9.63 30.56 -38.02
C ASP D 17 -10.13 30.96 -36.65
N ARG D 18 -11.45 30.82 -36.49
CA ARG D 18 -12.13 31.03 -35.21
C ARG D 18 -12.33 29.66 -34.56
N VAL D 19 -11.62 29.42 -33.43
CA VAL D 19 -11.71 28.19 -32.65
C VAL D 19 -12.71 28.41 -31.54
N THR D 20 -13.54 27.40 -31.25
CA THR D 20 -14.57 27.52 -30.23
C THR D 20 -14.52 26.25 -29.39
N ILE D 21 -13.99 26.38 -28.17
CA ILE D 21 -13.93 25.28 -27.22
C ILE D 21 -15.04 25.49 -26.20
N THR D 22 -15.74 24.39 -25.87
CA THR D 22 -16.95 24.41 -25.07
C THR D 22 -16.78 23.54 -23.84
N CYS D 23 -17.53 23.86 -22.79
CA CYS D 23 -17.41 23.15 -21.53
C CYS D 23 -18.74 23.19 -20.79
N ARG D 24 -19.35 22.02 -20.54
N ARG D 24 -19.34 22.03 -20.51
CA ARG D 24 -20.64 21.90 -19.88
CA ARG D 24 -20.65 21.96 -19.88
C ARG D 24 -20.43 21.56 -18.41
C ARG D 24 -20.51 21.52 -18.43
N ALA D 25 -21.06 22.31 -17.51
CA ALA D 25 -21.04 21.99 -16.08
C ALA D 25 -22.23 21.12 -15.73
N SER D 26 -22.05 20.26 -14.71
CA SER D 26 -23.19 19.41 -14.29
C SER D 26 -24.31 20.17 -13.60
N GLN D 27 -23.99 21.34 -13.05
CA GLN D 27 -24.94 22.09 -12.29
C GLN D 27 -24.54 23.55 -12.39
N SER D 28 -25.39 24.43 -11.86
CA SER D 28 -25.01 25.83 -11.78
C SER D 28 -23.69 25.94 -11.06
N VAL D 29 -22.76 26.58 -11.74
CA VAL D 29 -21.45 26.94 -11.21
C VAL D 29 -21.24 28.44 -11.22
N SER D 30 -22.32 29.19 -11.44
CA SER D 30 -22.32 30.66 -11.42
C SER D 30 -21.30 31.08 -12.48
N SER D 31 -20.39 31.99 -12.17
CA SER D 31 -19.28 32.39 -13.02
C SER D 31 -18.00 31.79 -12.55
N ALA D 32 -18.02 30.83 -11.64
CA ALA D 32 -16.77 30.35 -11.06
C ALA D 32 -16.06 29.41 -12.03
N VAL D 33 -15.67 29.99 -13.18
CA VAL D 33 -15.08 29.25 -14.28
C VAL D 33 -13.87 30.02 -14.77
N ALA D 34 -12.79 29.30 -15.08
CA ALA D 34 -11.56 29.89 -15.64
C ALA D 34 -11.06 29.03 -16.79
N TRP D 35 -10.25 29.64 -17.65
CA TRP D 35 -9.69 28.94 -18.79
C TRP D 35 -8.19 29.09 -18.81
N TYR D 36 -7.48 28.00 -19.15
CA TYR D 36 -6.02 27.94 -19.18
C TYR D 36 -5.50 27.46 -20.51
N GLN D 37 -4.24 27.79 -20.79
CA GLN D 37 -3.50 27.29 -21.94
C GLN D 37 -2.32 26.49 -21.40
N GLN D 38 -2.04 25.32 -21.98
CA GLN D 38 -0.83 24.61 -21.61
C GLN D 38 -0.06 24.19 -22.86
N LYS D 39 1.15 24.65 -22.96
CA LYS D 39 2.08 24.24 -24.00
C LYS D 39 3.04 23.17 -23.45
N PRO D 40 3.55 22.26 -24.29
CA PRO D 40 4.33 21.12 -23.77
C PRO D 40 5.51 21.54 -22.89
N GLY D 41 5.63 20.88 -21.72
CA GLY D 41 6.71 21.15 -20.79
C GLY D 41 6.50 22.36 -19.92
N LYS D 42 5.48 23.16 -20.17
CA LYS D 42 5.29 24.38 -19.40
C LYS D 42 4.06 24.26 -18.52
N ALA D 43 3.98 25.10 -17.49
CA ALA D 43 2.81 25.11 -16.62
C ALA D 43 1.69 25.90 -17.28
N PRO D 44 0.45 25.73 -16.83
CA PRO D 44 -0.65 26.47 -17.44
C PRO D 44 -0.51 27.96 -17.22
N LYS D 45 -1.20 28.69 -18.06
CA LYS D 45 -1.22 30.14 -18.04
C LYS D 45 -2.69 30.52 -17.99
N LEU D 46 -3.07 31.34 -17.02
CA LEU D 46 -4.46 31.78 -16.95
C LEU D 46 -4.79 32.67 -18.15
N LEU D 47 -5.99 32.46 -18.70
CA LEU D 47 -6.51 33.25 -19.81
C LEU D 47 -7.76 34.02 -19.43
N ILE D 48 -8.74 33.33 -18.86
CA ILE D 48 -10.07 33.86 -18.56
C ILE D 48 -10.42 33.42 -17.16
N TYR D 49 -10.95 34.33 -16.36
CA TYR D 49 -11.48 34.03 -15.04
C TYR D 49 -12.85 34.68 -14.93
N SER D 50 -13.64 34.19 -13.96
CA SER D 50 -15.04 34.60 -13.79
C SER D 50 -15.81 34.45 -15.09
N ALA D 51 -15.42 33.43 -15.83
CA ALA D 51 -16.13 32.91 -17.00
C ALA D 51 -16.12 33.88 -18.18
N SER D 52 -15.85 35.17 -17.95
CA SER D 52 -15.92 36.21 -18.98
C SER D 52 -14.81 37.22 -18.95
N SER D 53 -13.88 37.18 -17.99
CA SER D 53 -12.89 38.24 -17.80
C SER D 53 -11.51 37.82 -18.29
N LEU D 54 -10.92 38.66 -19.15
CA LEU D 54 -9.55 38.45 -19.65
C LEU D 54 -8.51 38.70 -18.56
N TYR D 55 -7.55 37.78 -18.46
CA TYR D 55 -6.41 38.06 -17.62
C TYR D 55 -5.57 39.14 -18.27
N SER D 56 -4.69 39.78 -17.50
CA SER D 56 -3.84 40.80 -18.07
C SER D 56 -2.69 40.19 -18.88
N GLY D 57 -2.40 40.80 -20.01
CA GLY D 57 -1.39 40.31 -20.89
C GLY D 57 -1.92 39.35 -21.91
N VAL D 58 -3.08 38.76 -21.67
CA VAL D 58 -3.70 37.88 -22.65
C VAL D 58 -4.25 38.72 -23.80
N PRO D 59 -3.95 38.37 -25.04
CA PRO D 59 -4.39 39.17 -26.19
C PRO D 59 -5.91 39.19 -26.36
N SER D 60 -6.41 40.30 -26.92
CA SER D 60 -7.86 40.44 -27.05
C SER D 60 -8.49 39.33 -27.91
N ARG D 61 -7.72 38.63 -28.74
CA ARG D 61 -8.34 37.61 -29.58
C ARG D 61 -8.98 36.51 -28.75
N PHE D 62 -8.62 36.39 -27.47
CA PHE D 62 -9.28 35.46 -26.56
C PHE D 62 -10.51 36.08 -25.90
N SER D 63 -11.54 35.27 -25.73
CA SER D 63 -12.74 35.71 -25.06
C SER D 63 -13.41 34.49 -24.48
N GLY D 64 -14.16 34.70 -23.41
CA GLY D 64 -14.93 33.64 -22.78
C GLY D 64 -16.35 34.08 -22.52
N SER D 65 -17.29 33.16 -22.70
CA SER D 65 -18.70 33.48 -22.57
C SER D 65 -19.41 32.35 -21.87
N ARG D 66 -20.48 32.68 -21.16
CA ARG D 66 -21.29 31.71 -20.45
C ARG D 66 -22.74 31.83 -20.89
N SER D 67 -23.43 30.69 -20.93
CA SER D 67 -24.90 30.65 -20.98
C SER D 67 -25.32 29.51 -20.05
N GLY D 68 -25.64 29.87 -18.82
CA GLY D 68 -26.17 28.93 -17.86
C GLY D 68 -25.07 28.06 -17.28
N THR D 69 -24.95 26.87 -17.85
CA THR D 69 -23.94 25.91 -17.42
C THR D 69 -22.98 25.58 -18.56
N ASP D 70 -23.10 26.28 -19.68
CA ASP D 70 -22.29 26.07 -20.89
C ASP D 70 -21.33 27.24 -21.01
N PHE D 71 -20.05 27.00 -20.87
CA PHE D 71 -19.04 28.04 -21.04
C PHE D 71 -18.27 27.81 -22.31
N THR D 72 -17.91 28.90 -22.98
CA THR D 72 -17.25 28.82 -24.26
C THR D 72 -16.03 29.71 -24.29
N LEU D 73 -14.90 29.13 -24.75
CA LEU D 73 -13.67 29.84 -25.07
C LEU D 73 -13.60 30.05 -26.56
N THR D 74 -13.29 31.28 -26.98
CA THR D 74 -13.21 31.60 -28.40
C THR D 74 -11.91 32.32 -28.71
N ILE D 75 -11.26 31.89 -29.78
CA ILE D 75 -10.12 32.62 -30.32
C ILE D 75 -10.56 33.19 -31.66
N SER D 76 -10.56 34.52 -31.77
CA SER D 76 -11.22 35.16 -32.92
C SER D 76 -10.49 34.81 -34.21
N SER D 77 -9.15 34.90 -34.21
CA SER D 77 -8.31 34.38 -35.31
C SER D 77 -7.08 33.75 -34.68
N LEU D 78 -7.00 32.43 -34.76
CA LEU D 78 -5.91 31.66 -34.19
C LEU D 78 -4.57 32.15 -34.73
N GLN D 79 -3.65 32.55 -33.83
CA GLN D 79 -2.30 32.89 -34.30
C GLN D 79 -1.38 31.69 -34.13
N PRO D 80 -0.25 31.63 -34.86
CA PRO D 80 0.62 30.44 -34.77
C PRO D 80 1.06 30.09 -33.36
N GLU D 81 1.15 31.07 -32.47
CA GLU D 81 1.57 30.80 -31.11
C GLU D 81 0.48 30.15 -30.25
N ASP D 82 -0.78 30.03 -30.74
CA ASP D 82 -1.93 29.56 -29.96
C ASP D 82 -2.19 28.05 -30.03
N PHE D 83 -1.36 27.26 -30.68
CA PHE D 83 -1.58 25.83 -30.73
C PHE D 83 -1.07 25.22 -29.43
N ALA D 84 -1.98 24.67 -28.66
CA ALA D 84 -1.71 24.28 -27.29
C ALA D 84 -2.94 23.53 -26.80
N THR D 85 -2.94 23.21 -25.53
CA THR D 85 -4.05 22.52 -24.93
C THR D 85 -4.75 23.50 -24.01
N TYR D 86 -6.06 23.43 -23.97
CA TYR D 86 -6.85 24.39 -23.22
C TYR D 86 -7.68 23.62 -22.22
N TYR D 87 -7.76 24.14 -21.00
CA TYR D 87 -8.53 23.52 -19.94
C TYR D 87 -9.48 24.52 -19.29
N CYS D 88 -10.72 24.10 -19.02
CA CYS D 88 -11.60 24.84 -18.10
C CYS D 88 -11.48 24.26 -16.68
N GLN D 89 -11.65 25.17 -15.72
CA GLN D 89 -11.68 24.88 -14.31
C GLN D 89 -12.93 25.54 -13.78
N GLN D 90 -13.59 24.89 -12.82
CA GLN D 90 -14.65 25.52 -12.03
C GLN D 90 -14.16 25.65 -10.59
N TYR D 91 -14.51 26.74 -9.93
CA TYR D 91 -14.15 26.89 -8.53
C TYR D 91 -15.34 27.31 -7.70
N TYR D 92 -16.53 26.81 -8.03
CA TYR D 92 -17.76 27.27 -7.35
C TYR D 92 -17.65 27.13 -5.82
N GLY D 93 -18.09 28.17 -5.13
CA GLY D 93 -18.06 28.14 -3.71
C GLY D 93 -16.74 28.47 -3.10
N TYR D 94 -15.74 28.82 -3.92
CA TYR D 94 -14.44 29.24 -3.42
C TYR D 94 -13.93 28.32 -2.33
N GLY D 95 -13.98 27.02 -2.59
CA GLY D 95 -13.42 26.07 -1.68
C GLY D 95 -14.43 25.23 -0.96
N GLY D 96 -15.71 25.59 -0.95
CA GLY D 96 -16.70 24.79 -0.22
C GLY D 96 -16.92 23.41 -0.83
N TYR D 97 -16.55 23.24 -2.09
CA TYR D 97 -16.66 22.05 -2.90
C TYR D 97 -15.36 21.93 -3.67
N PRO D 98 -14.98 20.70 -4.04
CA PRO D 98 -13.71 20.47 -4.74
C PRO D 98 -13.58 21.21 -6.08
N ILE D 99 -12.38 21.70 -6.34
CA ILE D 99 -12.01 22.25 -7.63
C ILE D 99 -11.91 21.14 -8.67
N THR D 100 -12.60 21.30 -9.79
CA THR D 100 -12.58 20.35 -10.89
C THR D 100 -12.14 21.02 -12.18
N PHE D 101 -11.54 20.22 -13.06
CA PHE D 101 -11.05 20.67 -14.34
C PHE D 101 -11.77 19.98 -15.50
N GLY D 102 -11.74 20.61 -16.66
CA GLY D 102 -12.05 19.87 -17.85
C GLY D 102 -10.90 18.94 -18.22
N GLN D 103 -11.14 18.10 -19.23
CA GLN D 103 -10.16 17.10 -19.60
C GLN D 103 -9.19 17.61 -20.63
N GLY D 104 -9.45 18.78 -21.19
CA GLY D 104 -8.54 19.41 -22.10
C GLY D 104 -8.98 19.29 -23.54
N THR D 105 -8.70 20.34 -24.32
CA THR D 105 -8.91 20.38 -25.77
C THR D 105 -7.56 20.69 -26.38
N LYS D 106 -7.02 19.77 -27.18
CA LYS D 106 -5.75 19.97 -27.88
C LYS D 106 -6.04 20.64 -29.22
N VAL D 107 -5.37 21.75 -29.49
CA VAL D 107 -5.59 22.46 -30.74
C VAL D 107 -4.36 22.26 -31.64
N GLU D 108 -4.56 21.49 -32.71
CA GLU D 108 -3.53 21.04 -33.62
C GLU D 108 -3.62 21.81 -34.95
N ILE D 109 -2.54 21.71 -35.74
CA ILE D 109 -2.35 22.50 -36.96
C ILE D 109 -2.91 21.73 -38.14
N LYS D 110 -3.74 22.37 -38.98
CA LYS D 110 -4.31 21.69 -40.14
C LYS D 110 -3.31 21.59 -41.28
N ARG D 111 -3.35 20.48 -41.99
CA ARG D 111 -2.43 20.25 -43.10
C ARG D 111 -3.14 19.35 -44.14
N THR D 112 -2.50 19.22 -45.30
CA THR D 112 -3.03 18.35 -46.35
C THR D 112 -2.76 16.89 -46.01
N VAL D 113 -3.61 16.02 -46.54
CA VAL D 113 -3.44 14.59 -46.34
C VAL D 113 -2.04 14.15 -46.75
N ALA D 114 -1.44 13.24 -45.98
CA ALA D 114 -0.19 12.60 -46.42
C ALA D 114 -0.25 11.13 -46.02
N ALA D 115 -0.17 10.25 -46.98
CA ALA D 115 -0.35 8.87 -46.56
C ALA D 115 0.92 8.38 -45.88
N PRO D 116 0.82 7.42 -44.99
CA PRO D 116 2.03 6.98 -44.28
C PRO D 116 2.94 6.11 -45.13
N SER D 117 4.24 6.26 -44.87
CA SER D 117 5.19 5.20 -45.14
C SER D 117 4.96 4.12 -44.10
N VAL D 118 4.79 2.88 -44.55
CA VAL D 118 4.52 1.75 -43.66
C VAL D 118 5.72 0.82 -43.63
N PHE D 119 6.24 0.54 -42.45
CA PHE D 119 7.31 -0.44 -42.28
C PHE D 119 6.89 -1.49 -41.25
N ILE D 120 7.34 -2.73 -41.46
CA ILE D 120 7.09 -3.83 -40.54
C ILE D 120 8.43 -4.44 -40.13
N PHE D 121 8.54 -4.76 -38.86
CA PHE D 121 9.76 -5.28 -38.31
C PHE D 121 9.53 -6.62 -37.65
N PRO D 122 10.26 -7.68 -38.00
CA PRO D 122 10.11 -8.95 -37.29
C PRO D 122 10.77 -8.90 -35.93
N PRO D 123 10.54 -9.91 -35.09
CA PRO D 123 11.27 -10.00 -33.83
C PRO D 123 12.76 -10.12 -34.08
N SER D 124 13.54 -9.52 -33.22
CA SER D 124 14.98 -9.72 -33.30
C SER D 124 15.32 -11.10 -32.76
N ASP D 125 16.44 -11.65 -33.26
CA ASP D 125 16.78 -12.99 -32.84
C ASP D 125 17.17 -13.04 -31.36
N GLU D 126 17.68 -11.93 -30.82
CA GLU D 126 18.06 -11.91 -29.41
C GLU D 126 16.82 -11.99 -28.51
N GLN D 127 15.73 -11.36 -28.95
CA GLN D 127 14.51 -11.39 -28.14
C GLN D 127 13.87 -12.77 -28.12
N LEU D 128 13.92 -13.49 -29.24
CA LEU D 128 13.27 -14.79 -29.25
C LEU D 128 13.89 -15.71 -28.20
N LYS D 129 15.22 -15.64 -28.04
CA LYS D 129 15.88 -16.45 -27.03
C LYS D 129 15.27 -16.18 -25.66
N SER D 130 14.89 -14.92 -25.43
CA SER D 130 14.21 -14.53 -24.20
C SER D 130 12.83 -15.17 -24.07
N GLY D 131 12.27 -15.65 -25.17
CA GLY D 131 10.99 -16.32 -25.15
C GLY D 131 9.82 -15.48 -25.63
N THR D 132 10.02 -14.19 -25.91
CA THR D 132 8.94 -13.34 -26.37
C THR D 132 9.26 -12.71 -27.71
N ALA D 133 8.26 -12.61 -28.57
CA ALA D 133 8.37 -12.01 -29.89
C ALA D 133 7.60 -10.71 -29.94
N SER D 134 8.24 -9.63 -30.34
CA SER D 134 7.55 -8.36 -30.58
C SER D 134 7.62 -7.99 -32.06
N VAL D 135 6.47 -7.85 -32.69
CA VAL D 135 6.36 -7.46 -34.09
C VAL D 135 5.90 -6.03 -34.12
N VAL D 136 6.69 -5.15 -34.72
CA VAL D 136 6.47 -3.71 -34.67
C VAL D 136 6.04 -3.21 -36.03
N CYS D 137 4.94 -2.49 -36.06
CA CYS D 137 4.49 -1.83 -37.27
C CYS D 137 4.64 -0.33 -37.10
N LEU D 138 5.34 0.29 -38.03
CA LEU D 138 5.59 1.72 -38.01
C LEU D 138 4.79 2.43 -39.11
N LEU D 139 4.14 3.52 -38.74
CA LEU D 139 3.48 4.42 -39.69
C LEU D 139 4.20 5.76 -39.63
N ASN D 140 4.71 6.23 -40.76
CA ASN D 140 5.63 7.37 -40.72
C ASN D 140 5.09 8.58 -41.44
N ASN D 141 4.97 9.69 -40.72
CA ASN D 141 4.75 11.03 -41.26
C ASN D 141 3.48 11.10 -42.10
N PHE D 142 2.33 10.90 -41.44
CA PHE D 142 1.05 10.84 -42.13
C PHE D 142 0.07 11.87 -41.53
N TYR D 143 -1.02 12.14 -42.25
CA TYR D 143 -2.09 13.03 -41.76
C TYR D 143 -3.41 12.68 -42.42
N PRO D 144 -4.54 12.72 -41.68
CA PRO D 144 -4.71 13.02 -40.26
C PRO D 144 -4.41 11.85 -39.33
N ARG D 145 -4.70 11.99 -38.03
CA ARG D 145 -4.24 10.96 -37.10
C ARG D 145 -5.02 9.68 -37.25
N GLU D 146 -6.30 9.76 -37.57
CA GLU D 146 -7.15 8.58 -37.49
C GLU D 146 -6.71 7.53 -38.51
N ALA D 147 -6.48 6.32 -38.03
CA ALA D 147 -6.04 5.24 -38.90
C ALA D 147 -6.28 3.92 -38.20
N LYS D 148 -6.79 2.95 -38.94
CA LYS D 148 -7.08 1.65 -38.37
C LYS D 148 -5.92 0.74 -38.72
N VAL D 149 -5.12 0.38 -37.73
CA VAL D 149 -4.05 -0.58 -37.93
C VAL D 149 -4.52 -1.92 -37.41
N SER D 150 -4.49 -2.93 -38.28
CA SER D 150 -4.86 -4.29 -37.90
C SER D 150 -3.74 -5.28 -38.23
N TRP D 151 -3.64 -6.33 -37.40
CA TRP D 151 -2.64 -7.37 -37.50
C TRP D 151 -3.24 -8.69 -38.00
N TYR D 152 -2.58 -9.32 -38.96
CA TYR D 152 -2.97 -10.65 -39.43
C TYR D 152 -1.81 -11.61 -39.24
N VAL D 153 -2.05 -12.67 -38.47
CA VAL D 153 -1.08 -13.74 -38.32
C VAL D 153 -1.68 -14.96 -39.00
N ASP D 154 -1.09 -15.29 -40.16
CA ASP D 154 -1.57 -16.36 -41.01
C ASP D 154 -3.03 -16.11 -41.37
N ASN D 155 -3.31 -14.85 -41.73
CA ASN D 155 -4.64 -14.39 -42.15
C ASN D 155 -5.69 -14.57 -41.05
N ALA D 156 -5.25 -14.48 -39.81
CA ALA D 156 -6.17 -14.47 -38.68
C ALA D 156 -6.07 -13.08 -38.06
N LEU D 157 -7.20 -12.37 -38.04
CA LEU D 157 -7.22 -11.06 -37.43
C LEU D 157 -6.89 -11.17 -35.94
N GLN D 158 -5.89 -10.41 -35.51
CA GLN D 158 -5.47 -10.39 -34.10
C GLN D 158 -6.32 -9.43 -33.27
N SER D 159 -6.50 -9.79 -32.01
CA SER D 159 -7.09 -8.86 -31.07
C SER D 159 -6.62 -9.17 -29.66
N GLY D 160 -6.38 -8.10 -28.88
CA GLY D 160 -5.94 -8.24 -27.51
C GLY D 160 -4.45 -8.33 -27.30
N ASN D 161 -3.63 -8.43 -28.38
CA ASN D 161 -2.19 -8.61 -28.21
C ASN D 161 -1.35 -7.53 -28.88
N SER D 162 -1.91 -6.38 -29.17
CA SER D 162 -1.13 -5.32 -29.79
C SER D 162 -1.40 -4.02 -29.06
N GLN D 163 -0.50 -3.07 -29.24
CA GLN D 163 -0.60 -1.83 -28.49
C GLN D 163 -0.08 -0.73 -29.42
N GLU D 164 -0.67 0.46 -29.32
CA GLU D 164 -0.35 1.58 -30.20
C GLU D 164 0.32 2.71 -29.44
N SER D 165 1.09 3.50 -30.18
CA SER D 165 1.66 4.72 -29.61
C SER D 165 1.77 5.72 -30.74
N VAL D 166 1.62 6.99 -30.44
CA VAL D 166 1.59 8.00 -31.50
C VAL D 166 2.32 9.24 -31.03
N THR D 167 3.08 9.86 -31.95
CA THR D 167 3.80 11.07 -31.59
C THR D 167 2.81 12.23 -31.60
N GLU D 168 3.30 13.40 -31.21
CA GLU D 168 2.52 14.61 -31.32
C GLU D 168 3.04 15.37 -32.52
N GLN D 169 2.17 16.14 -33.16
CA GLN D 169 2.43 16.75 -34.46
C GLN D 169 3.86 17.26 -34.60
N ASP D 170 4.55 16.78 -35.63
CA ASP D 170 5.93 17.18 -35.89
C ASP D 170 6.02 18.68 -36.09
N SER D 171 7.04 19.30 -35.48
CA SER D 171 7.17 20.75 -35.56
C SER D 171 7.45 21.23 -36.98
N LYS D 172 8.05 20.38 -37.83
CA LYS D 172 8.43 20.84 -39.16
C LYS D 172 7.34 20.56 -40.21
N ASP D 173 6.85 19.32 -40.33
CA ASP D 173 5.87 19.03 -41.38
C ASP D 173 4.48 18.77 -40.82
N SER D 174 4.24 19.09 -39.55
CA SER D 174 2.91 18.95 -38.90
C SER D 174 2.23 17.61 -39.14
N THR D 175 2.98 16.52 -39.24
CA THR D 175 2.43 15.18 -39.43
C THR D 175 2.61 14.35 -38.16
N TYR D 176 1.91 13.22 -38.11
CA TYR D 176 2.04 12.26 -37.02
C TYR D 176 2.78 11.01 -37.46
N SER D 177 3.31 10.26 -36.50
CA SER D 177 3.89 8.94 -36.74
C SER D 177 3.41 8.02 -35.62
N LEU D 178 3.08 6.78 -35.97
CA LEU D 178 2.40 5.84 -35.06
C LEU D 178 3.05 4.47 -35.11
N SER D 179 3.20 3.83 -33.96
CA SER D 179 3.73 2.47 -33.91
C SER D 179 2.64 1.51 -33.45
N SER D 180 2.74 0.26 -33.87
CA SER D 180 1.92 -0.83 -33.32
C SER D 180 2.79 -2.05 -33.08
N THR D 181 2.88 -2.47 -31.82
CA THR D 181 3.69 -3.61 -31.43
C THR D 181 2.77 -4.78 -31.14
N LEU D 182 2.92 -5.84 -31.91
CA LEU D 182 2.28 -7.11 -31.61
C LEU D 182 3.26 -7.95 -30.79
N THR D 183 2.89 -8.31 -29.55
CA THR D 183 3.76 -9.11 -28.68
C THR D 183 3.17 -10.51 -28.51
N LEU D 184 3.98 -11.51 -28.83
CA LEU D 184 3.57 -12.90 -28.95
C LEU D 184 4.53 -13.74 -28.13
N SER D 185 4.19 -15.00 -27.90
CA SER D 185 5.15 -15.93 -27.34
C SER D 185 6.00 -16.58 -28.43
N LYS D 186 7.18 -17.07 -28.03
CA LYS D 186 7.97 -17.87 -28.97
C LYS D 186 7.15 -19.02 -29.54
N ALA D 187 6.37 -19.69 -28.68
CA ALA D 187 5.54 -20.78 -29.16
C ALA D 187 4.60 -20.33 -30.28
N ASP D 188 3.85 -19.26 -30.04
CA ASP D 188 2.91 -18.79 -31.07
C ASP D 188 3.64 -18.29 -32.32
N TYR D 189 4.64 -17.44 -32.14
CA TYR D 189 5.42 -16.96 -33.25
C TYR D 189 5.96 -18.10 -34.09
N GLU D 190 6.42 -19.18 -33.46
CA GLU D 190 6.99 -20.24 -34.25
C GLU D 190 5.92 -21.10 -34.93
N LYS D 191 4.65 -20.94 -34.55
CA LYS D 191 3.56 -21.79 -35.03
C LYS D 191 2.81 -21.23 -36.25
N HIS D 192 3.13 -20.01 -36.71
CA HIS D 192 2.54 -19.43 -37.91
C HIS D 192 3.64 -18.96 -38.85
N LYS D 193 3.27 -18.66 -40.09
CA LYS D 193 4.27 -18.37 -41.10
C LYS D 193 4.27 -16.92 -41.54
N VAL D 194 3.10 -16.29 -41.71
CA VAL D 194 3.02 -14.96 -42.32
C VAL D 194 2.34 -13.99 -41.35
N TYR D 195 3.08 -12.93 -40.98
CA TYR D 195 2.63 -11.86 -40.10
C TYR D 195 2.55 -10.57 -40.89
N ALA D 196 1.38 -9.93 -40.88
CA ALA D 196 1.15 -8.77 -41.72
C ALA D 196 0.39 -7.68 -40.95
N CYS D 197 0.63 -6.44 -41.38
CA CYS D 197 0.15 -5.24 -40.73
C CYS D 197 -0.66 -4.43 -41.73
N GLU D 198 -1.92 -4.14 -41.41
CA GLU D 198 -2.83 -3.51 -42.37
C GLU D 198 -3.18 -2.10 -41.95
N VAL D 199 -2.84 -1.12 -42.75
CA VAL D 199 -3.18 0.27 -42.48
C VAL D 199 -4.29 0.69 -43.42
N THR D 200 -5.44 1.00 -42.86
CA THR D 200 -6.60 1.48 -43.59
C THR D 200 -6.84 2.93 -43.23
N GLN D 201 -7.15 3.74 -44.23
CA GLN D 201 -7.33 5.16 -44.00
C GLN D 201 -8.21 5.68 -45.13
N GLY D 202 -9.49 5.77 -44.88
CA GLY D 202 -10.38 6.19 -45.93
C GLY D 202 -10.68 5.03 -46.84
N THR D 203 -10.48 5.23 -48.13
CA THR D 203 -10.80 4.21 -49.10
C THR D 203 -9.63 3.32 -49.46
N THR D 204 -8.47 3.49 -48.83
CA THR D 204 -7.24 2.77 -49.17
C THR D 204 -6.75 1.94 -47.99
N SER D 205 -6.16 0.77 -48.29
CA SER D 205 -5.51 -0.05 -47.27
C SER D 205 -4.19 -0.59 -47.81
N VAL D 206 -3.07 0.00 -47.34
CA VAL D 206 -1.73 -0.54 -47.54
C VAL D 206 -1.48 -1.64 -46.52
N THR D 207 -0.87 -2.74 -46.95
CA THR D 207 -0.54 -3.86 -46.07
C THR D 207 0.90 -4.30 -46.31
N LYS D 208 1.74 -4.19 -45.29
CA LYS D 208 3.10 -4.72 -45.25
C LYS D 208 3.09 -6.10 -44.58
N SER D 209 4.02 -6.95 -44.97
CA SER D 209 4.00 -8.34 -44.50
C SER D 209 5.41 -8.87 -44.49
N PHE D 210 5.58 -10.03 -43.84
CA PHE D 210 6.84 -10.74 -43.94
C PHE D 210 6.60 -12.22 -43.65
N ASN D 211 7.43 -13.07 -44.24
CA ASN D 211 7.32 -14.52 -44.09
C ASN D 211 8.43 -14.94 -43.14
N ARG D 212 8.08 -15.58 -42.03
CA ARG D 212 9.09 -16.02 -41.08
C ARG D 212 10.15 -16.83 -41.82
N GLY D 213 11.42 -16.48 -41.61
CA GLY D 213 12.52 -17.19 -42.24
C GLY D 213 13.13 -16.40 -43.40
N GLU D 214 12.26 -15.72 -44.16
CA GLU D 214 12.58 -14.71 -45.20
C GLU D 214 13.99 -14.64 -45.77
N LYS E 2 -5.61 -75.13 27.81
CA LYS E 2 -4.45 -75.08 26.93
C LYS E 2 -3.67 -73.77 27.08
N CYS E 3 -2.51 -73.69 26.43
CA CYS E 3 -1.74 -72.45 26.36
C CYS E 3 -2.33 -71.52 25.29
N PRO E 4 -2.55 -70.25 25.61
CA PRO E 4 -3.22 -69.36 24.65
C PRO E 4 -2.37 -69.06 23.44
N GLU E 5 -3.04 -68.75 22.34
CA GLU E 5 -2.32 -68.20 21.20
C GLU E 5 -1.76 -66.85 21.62
N LEU E 6 -0.44 -66.73 21.63
CA LEU E 6 0.20 -65.52 22.17
C LEU E 6 1.14 -64.95 21.14
N LEU E 7 1.05 -63.64 20.95
CA LEU E 7 2.01 -62.89 20.15
C LEU E 7 2.96 -62.19 21.12
N GLN E 8 4.22 -62.58 21.12
CA GLN E 8 5.17 -62.02 22.07
C GLN E 8 6.56 -62.00 21.44
N GLY E 9 7.26 -60.89 21.64
CA GLY E 9 8.59 -60.71 21.09
C GLY E 9 8.64 -60.62 19.58
N LEU E 10 7.65 -59.97 18.95
CA LEU E 10 7.48 -59.88 17.49
C LEU E 10 7.45 -61.26 16.83
N ALA E 11 6.83 -62.23 17.50
CA ALA E 11 6.72 -63.58 16.99
C ALA E 11 5.42 -64.19 17.48
N HIS E 12 4.80 -65.03 16.66
CA HIS E 12 3.51 -65.61 16.97
C HIS E 12 3.73 -67.03 17.49
N PHE E 13 3.13 -67.35 18.63
CA PHE E 13 3.23 -68.67 19.25
C PHE E 13 1.83 -69.26 19.26
N PRO E 14 1.59 -70.39 18.60
CA PRO E 14 0.24 -70.90 18.48
C PRO E 14 -0.28 -71.45 19.80
N GLU E 15 -1.59 -71.54 19.89
CA GLU E 15 -2.20 -72.22 21.04
C GLU E 15 -1.68 -73.64 21.05
N THR E 16 -1.28 -74.12 22.23
CA THR E 16 -0.66 -75.44 22.31
C THR E 16 -1.01 -76.10 23.62
N ILE E 17 -1.08 -77.43 23.57
CA ILE E 17 -1.32 -78.28 24.73
C ILE E 17 0.00 -78.93 25.16
N ALA E 18 0.22 -79.01 26.47
CA ALA E 18 1.47 -79.52 27.01
C ALA E 18 1.47 -81.06 26.95
N GLY E 19 2.57 -81.66 27.42
CA GLY E 19 2.73 -83.11 27.39
C GLY E 19 3.39 -83.66 28.64
N SER E 20 2.74 -84.65 29.24
CA SER E 20 3.16 -85.26 30.50
C SER E 20 4.66 -85.63 30.58
N ALA E 26 7.41 -78.43 27.18
CA ALA E 26 6.83 -78.45 25.84
C ALA E 26 7.28 -77.22 25.06
N THR E 27 8.55 -77.25 24.63
CA THR E 27 9.19 -76.12 23.94
C THR E 27 8.65 -75.96 22.52
N VAL E 28 8.08 -74.80 22.21
CA VAL E 28 7.56 -74.51 20.86
C VAL E 28 8.27 -73.29 20.29
N ALA E 29 8.49 -73.31 18.99
CA ALA E 29 9.12 -72.22 18.26
C ALA E 29 8.09 -71.20 17.76
N GLY E 30 8.53 -69.95 17.66
CA GLY E 30 7.68 -68.87 17.21
C GLY E 30 8.03 -68.52 15.78
N THR E 31 7.02 -68.11 15.02
CA THR E 31 7.19 -67.71 13.63
C THR E 31 7.24 -66.19 13.56
N CYS E 32 8.26 -65.65 12.89
CA CYS E 32 8.45 -64.22 12.85
C CYS E 32 7.25 -63.53 12.18
N VAL E 33 6.87 -62.36 12.70
CA VAL E 33 5.69 -61.63 12.21
C VAL E 33 6.06 -60.86 10.95
N ASP E 34 5.05 -60.35 10.25
CA ASP E 34 5.30 -59.73 8.94
C ASP E 34 6.29 -58.59 9.07
N HIS E 35 7.37 -58.67 8.31
CA HIS E 35 8.48 -57.71 8.25
C HIS E 35 9.33 -57.73 9.51
N ALA E 36 9.31 -58.83 10.26
CA ALA E 36 10.27 -59.06 11.33
C ALA E 36 11.01 -60.36 11.03
N VAL E 37 12.27 -60.42 11.46
CA VAL E 37 13.18 -61.49 11.08
C VAL E 37 14.06 -61.82 12.28
N VAL E 38 14.76 -62.95 12.19
CA VAL E 38 15.70 -63.30 13.24
C VAL E 38 17.04 -62.66 12.90
N PRO E 39 17.62 -61.89 13.82
CA PRO E 39 18.91 -61.23 13.55
C PRO E 39 20.00 -62.25 13.33
N PRO E 40 21.02 -61.93 12.48
CA PRO E 40 22.00 -62.92 12.01
C PRO E 40 22.59 -63.89 13.04
N GLY E 41 23.19 -63.39 14.12
CA GLY E 41 23.73 -64.26 15.15
C GLY E 41 22.86 -64.39 16.38
N GLY E 42 21.55 -64.49 16.19
CA GLY E 42 20.65 -64.49 17.33
C GLY E 42 19.86 -65.75 17.52
N GLU E 43 19.32 -65.93 18.73
CA GLU E 43 18.55 -67.11 19.07
C GLU E 43 17.10 -66.94 18.58
N GLU E 44 16.56 -67.97 17.93
CA GLU E 44 15.21 -67.91 17.36
C GLU E 44 14.15 -67.90 18.47
N PRO E 45 13.00 -67.29 18.21
CA PRO E 45 11.98 -67.18 19.26
C PRO E 45 11.46 -68.56 19.64
N ARG E 46 11.61 -68.90 20.92
CA ARG E 46 11.10 -70.17 21.45
C ARG E 46 10.48 -69.89 22.80
N MET E 47 9.42 -70.61 23.13
CA MET E 47 8.83 -70.47 24.45
C MET E 47 8.19 -71.77 24.92
N HIS E 48 8.12 -71.92 26.24
CA HIS E 48 7.73 -73.16 26.90
C HIS E 48 6.30 -73.12 27.41
N CYS E 49 5.56 -74.20 27.15
CA CYS E 49 4.18 -74.33 27.55
C CYS E 49 4.07 -75.30 28.72
N ALA E 50 3.16 -74.98 29.63
CA ALA E 50 3.00 -75.71 30.88
C ALA E 50 1.57 -76.25 30.96
N VAL E 51 1.42 -77.35 31.71
CA VAL E 51 0.13 -78.02 31.80
C VAL E 51 -0.95 -77.14 32.44
N ASP E 52 -0.56 -76.20 33.33
CA ASP E 52 -1.53 -75.27 33.90
C ASP E 52 -1.96 -74.17 32.92
N GLY E 53 -1.39 -74.11 31.72
CA GLY E 53 -1.80 -73.09 30.76
C GLY E 53 -1.00 -71.80 30.86
N GLU E 54 0.31 -71.92 31.10
CA GLU E 54 1.20 -70.78 31.28
C GLU E 54 2.36 -70.87 30.30
N TRP E 55 2.72 -69.72 29.74
CA TRP E 55 3.87 -69.60 28.84
C TRP E 55 5.10 -69.20 29.64
N LEU E 56 6.21 -69.89 29.42
CA LEU E 56 7.33 -69.79 30.34
C LEU E 56 8.68 -69.57 29.66
N VAL E 57 9.51 -68.76 30.34
CA VAL E 57 10.93 -68.54 30.05
C VAL E 57 11.14 -68.32 28.57
N PRO E 58 10.81 -67.14 28.04
CA PRO E 58 11.01 -66.90 26.60
C PRO E 58 12.49 -66.76 26.27
N ILE E 59 12.99 -67.59 25.36
CA ILE E 59 14.36 -67.46 24.87
C ILE E 59 14.30 -66.95 23.44
N GLY E 60 15.06 -65.92 23.15
CA GLY E 60 15.13 -65.41 21.80
C GLY E 60 13.97 -64.50 21.47
N GLN E 61 14.14 -63.77 20.36
CA GLN E 61 13.21 -62.76 19.88
C GLN E 61 13.43 -62.53 18.39
N CYS E 62 12.39 -62.01 17.72
CA CYS E 62 12.48 -61.47 16.36
C CYS E 62 12.61 -59.94 16.45
N LEU E 63 13.12 -59.34 15.38
CA LEU E 63 13.29 -57.89 15.32
C LEU E 63 12.76 -57.37 13.99
N CYS E 64 12.22 -56.15 14.01
CA CYS E 64 11.72 -55.54 12.78
C CYS E 64 12.88 -55.30 11.82
N GLN E 65 12.75 -55.79 10.59
CA GLN E 65 13.86 -55.67 9.65
C GLN E 65 14.05 -54.20 9.27
N ALA E 66 15.04 -53.96 8.42
CA ALA E 66 15.31 -52.61 7.95
C ALA E 66 14.08 -52.02 7.28
N GLY E 67 13.86 -50.73 7.51
CA GLY E 67 12.74 -50.03 6.92
C GLY E 67 11.44 -50.18 7.67
N TYR E 68 11.42 -50.97 8.74
CA TYR E 68 10.22 -51.17 9.53
C TYR E 68 10.56 -50.93 11.00
N GLU E 69 9.57 -50.52 11.78
CA GLU E 69 9.77 -50.33 13.21
C GLU E 69 8.64 -50.97 13.98
N LYS E 70 8.89 -51.21 15.27
CA LYS E 70 7.95 -51.94 16.13
C LYS E 70 6.88 -50.99 16.66
N VAL E 71 5.62 -51.27 16.37
CA VAL E 71 4.47 -50.57 16.96
C VAL E 71 3.49 -51.63 17.44
N GLU E 72 3.05 -51.50 18.70
CA GLU E 72 2.24 -52.55 19.34
C GLU E 72 2.99 -53.86 19.20
N ASP E 73 2.39 -54.84 18.53
CA ASP E 73 3.10 -56.08 18.30
C ASP E 73 3.14 -56.42 16.82
N ALA E 74 3.33 -55.41 15.98
CA ALA E 74 3.50 -55.59 14.54
C ALA E 74 4.72 -54.80 14.10
N CYS E 75 5.12 -55.00 12.85
CA CYS E 75 6.16 -54.21 12.23
C CYS E 75 5.55 -53.32 11.16
N GLN E 76 5.81 -52.03 11.25
CA GLN E 76 5.13 -51.04 10.44
C GLN E 76 6.16 -50.19 9.70
N ALA E 77 5.82 -49.76 8.49
CA ALA E 77 6.77 -49.05 7.64
C ALA E 77 7.23 -47.74 8.28
N CYS E 78 8.50 -47.40 8.05
CA CYS E 78 9.01 -46.11 8.48
C CYS E 78 8.23 -45.00 7.80
N SER E 79 7.81 -44.03 8.58
CA SER E 79 7.10 -42.90 8.02
C SER E 79 8.04 -42.12 7.10
N PRO E 80 7.52 -41.49 6.05
CA PRO E 80 8.38 -40.69 5.19
C PRO E 80 9.11 -39.64 6.01
N GLY E 81 10.41 -39.50 5.75
CA GLY E 81 11.27 -38.65 6.57
C GLY E 81 12.16 -39.40 7.54
N PHE E 82 11.97 -40.71 7.70
CA PHE E 82 12.72 -41.52 8.66
C PHE E 82 13.31 -42.75 7.99
N PHE E 83 14.34 -43.31 8.61
CA PHE E 83 15.01 -44.47 8.05
C PHE E 83 15.37 -45.45 9.15
N LYS E 84 15.60 -46.70 8.75
CA LYS E 84 16.13 -47.73 9.64
C LYS E 84 16.90 -48.72 8.78
N PHE E 85 18.22 -48.71 8.86
CA PHE E 85 18.98 -49.51 7.89
C PHE E 85 19.30 -50.91 8.42
N GLU E 86 19.34 -51.12 9.73
CA GLU E 86 19.58 -52.44 10.26
C GLU E 86 18.34 -52.98 10.95
N ALA E 87 18.34 -54.29 11.16
CA ALA E 87 17.21 -54.98 11.78
C ALA E 87 17.40 -55.02 13.30
N SER E 88 17.34 -53.83 13.91
CA SER E 88 17.69 -53.65 15.32
C SER E 88 16.45 -53.43 16.19
N GLU E 89 16.70 -53.31 17.50
CA GLU E 89 15.69 -52.98 18.50
C GLU E 89 15.36 -51.50 18.54
N SER E 90 15.85 -50.70 17.58
CA SER E 90 15.65 -49.26 17.57
C SER E 90 14.36 -48.87 16.87
N PRO E 91 13.83 -47.68 17.19
CA PRO E 91 12.75 -47.09 16.38
C PRO E 91 13.30 -46.54 15.07
N CYS E 92 12.44 -45.96 14.22
CA CYS E 92 12.90 -45.27 13.03
C CYS E 92 13.57 -43.96 13.41
N LEU E 93 14.68 -43.63 12.74
CA LEU E 93 15.47 -42.46 13.07
C LEU E 93 15.19 -41.33 12.07
N GLU E 94 15.09 -40.10 12.57
CA GLU E 94 14.84 -38.98 11.67
C GLU E 94 16.00 -38.82 10.70
N CYS E 95 15.69 -38.36 9.49
CA CYS E 95 16.73 -38.18 8.49
C CYS E 95 17.76 -37.19 9.03
N PRO E 96 19.05 -37.45 8.83
CA PRO E 96 20.10 -36.66 9.48
C PRO E 96 20.32 -35.32 8.80
N GLU E 97 21.30 -34.57 9.29
CA GLU E 97 21.56 -33.26 8.73
C GLU E 97 21.91 -33.38 7.24
N HIS E 98 21.63 -32.32 6.49
CA HIS E 98 22.09 -32.21 5.09
C HIS E 98 21.65 -33.41 4.24
N THR E 99 20.46 -33.92 4.53
CA THR E 99 19.82 -34.98 3.76
C THR E 99 18.44 -34.51 3.28
N LEU E 100 17.82 -35.30 2.38
CA LEU E 100 16.55 -35.00 1.73
C LEU E 100 15.46 -35.97 2.22
N PRO E 101 14.23 -35.49 2.47
CA PRO E 101 13.17 -36.36 3.01
C PRO E 101 12.94 -37.69 2.30
N SER E 102 13.15 -38.79 3.02
CA SER E 102 13.04 -40.12 2.46
C SER E 102 11.58 -40.51 2.20
N PRO E 103 11.34 -41.46 1.25
CA PRO E 103 10.00 -42.04 1.13
C PRO E 103 9.75 -43.09 2.19
N GLU E 104 8.61 -43.78 2.09
CA GLU E 104 8.23 -44.79 3.07
C GLU E 104 9.20 -45.97 3.03
N GLY E 105 9.25 -46.70 4.15
CA GLY E 105 10.04 -47.91 4.26
C GLY E 105 11.51 -47.72 3.98
N ALA E 106 12.03 -46.53 4.28
CA ALA E 106 13.37 -46.18 3.84
C ALA E 106 14.43 -46.88 4.67
N THR E 107 15.52 -47.27 4.00
CA THR E 107 16.68 -47.79 4.72
C THR E 107 17.76 -46.74 4.92
N SER E 108 17.74 -45.66 4.16
CA SER E 108 18.65 -44.54 4.34
C SER E 108 18.05 -43.34 3.63
N CYS E 109 18.56 -42.16 3.96
CA CYS E 109 18.07 -40.93 3.34
C CYS E 109 19.07 -40.45 2.28
N GLU E 110 18.53 -40.06 1.11
CA GLU E 110 19.39 -39.57 0.05
C GLU E 110 20.05 -38.27 0.49
N CYS E 111 21.30 -38.10 0.10
CA CYS E 111 22.01 -36.89 0.46
C CYS E 111 21.50 -35.74 -0.39
N GLU E 112 21.77 -34.52 0.07
CA GLU E 112 21.30 -33.32 -0.59
C GLU E 112 22.23 -32.94 -1.74
N GLU E 113 21.64 -32.39 -2.81
CA GLU E 113 22.41 -31.95 -3.97
C GLU E 113 23.62 -31.15 -3.51
N GLY E 114 24.80 -31.65 -3.82
CA GLY E 114 26.03 -31.05 -3.36
C GLY E 114 26.65 -31.69 -2.13
N PHE E 115 26.05 -32.76 -1.59
CA PHE E 115 26.55 -33.40 -0.39
C PHE E 115 26.75 -34.90 -0.62
N PHE E 116 27.56 -35.50 0.25
CA PHE E 116 27.83 -36.94 0.16
C PHE E 116 28.28 -37.44 1.53
N ARG E 117 28.28 -38.76 1.69
CA ARG E 117 28.88 -39.42 2.83
C ARG E 117 29.95 -40.34 2.28
N ALA E 118 31.18 -40.26 2.83
CA ALA E 118 32.34 -40.98 2.34
C ALA E 118 32.06 -42.47 2.16
N PRO E 119 32.76 -43.15 1.25
CA PRO E 119 32.45 -44.56 1.00
C PRO E 119 32.58 -45.45 2.23
N GLN E 120 33.33 -45.01 3.25
CA GLN E 120 33.42 -45.75 4.51
C GLN E 120 32.23 -45.51 5.44
N ASP E 121 31.63 -44.32 5.43
CA ASP E 121 30.64 -43.96 6.45
C ASP E 121 29.37 -44.81 6.34
N PRO E 122 28.72 -45.15 7.48
CA PRO E 122 27.43 -45.85 7.43
C PRO E 122 26.28 -44.98 6.96
N ALA E 123 25.07 -45.54 6.94
CA ALA E 123 23.89 -44.80 6.53
C ALA E 123 23.20 -44.04 7.67
N SER E 124 23.62 -44.24 8.92
CA SER E 124 23.08 -43.47 10.03
C SER E 124 23.89 -42.21 10.32
N MET E 125 24.59 -41.70 9.30
CA MET E 125 25.53 -40.62 9.49
C MET E 125 25.12 -39.40 8.66
N PRO E 126 25.36 -38.19 9.18
CA PRO E 126 25.15 -36.99 8.36
C PRO E 126 26.03 -36.94 7.11
N CYS E 127 25.50 -36.30 6.07
CA CYS E 127 26.24 -36.04 4.84
C CYS E 127 27.17 -34.85 5.05
N THR E 128 28.24 -34.80 4.25
CA THR E 128 29.27 -33.77 4.35
C THR E 128 29.45 -33.08 3.02
N LEU E 129 29.93 -31.84 3.07
CA LEU E 129 30.17 -31.04 1.87
C LEU E 129 31.28 -31.69 1.04
N VAL E 130 30.94 -32.09 -0.19
CA VAL E 130 31.91 -32.63 -1.15
C VAL E 130 33.11 -31.71 -1.34
N LYS F 1 16.72 74.53 -4.30
CA LYS F 1 15.87 75.18 -3.32
C LYS F 1 14.42 74.73 -3.47
N LYS F 2 14.07 74.20 -4.64
CA LYS F 2 12.69 73.79 -4.94
C LYS F 2 12.50 72.30 -4.61
N CYS F 3 11.46 71.99 -3.84
CA CYS F 3 11.12 70.62 -3.49
C CYS F 3 10.36 69.94 -4.63
N PRO F 4 10.81 68.77 -5.12
CA PRO F 4 10.13 68.15 -6.26
C PRO F 4 8.74 67.63 -5.92
N GLU F 5 7.89 67.58 -6.95
CA GLU F 5 6.55 67.00 -6.84
C GLU F 5 6.63 65.51 -6.55
N LEU F 6 6.03 65.08 -5.44
CA LEU F 6 6.20 63.73 -4.93
C LEU F 6 4.86 63.04 -4.74
N LEU F 7 4.80 61.76 -5.11
CA LEU F 7 3.69 60.89 -4.75
C LEU F 7 4.12 60.06 -3.55
N GLN F 8 3.45 60.25 -2.42
CA GLN F 8 3.82 59.57 -1.18
C GLN F 8 2.59 59.27 -0.35
N GLY F 9 2.48 58.04 0.13
CA GLY F 9 1.38 57.67 1.01
C GLY F 9 0.01 57.80 0.38
N LEU F 10 -0.10 57.48 -0.92
CA LEU F 10 -1.33 57.70 -1.67
C LEU F 10 -1.83 59.14 -1.57
N ALA F 11 -0.89 60.07 -1.59
CA ALA F 11 -1.21 61.49 -1.48
C ALA F 11 -0.23 62.27 -2.35
N HIS F 12 -0.74 63.34 -2.94
CA HIS F 12 0.01 64.15 -3.89
C HIS F 12 0.58 65.37 -3.18
N PHE F 13 1.87 65.62 -3.37
CA PHE F 13 2.53 66.79 -2.82
C PHE F 13 3.11 67.61 -3.95
N PRO F 14 2.62 68.81 -4.22
CA PRO F 14 3.13 69.59 -5.34
C PRO F 14 4.50 70.17 -5.03
N GLU F 15 5.19 70.60 -6.10
CA GLU F 15 6.44 71.32 -5.93
C GLU F 15 6.22 72.57 -5.07
N THR F 16 7.16 72.84 -4.17
CA THR F 16 7.04 73.96 -3.27
C THR F 16 8.42 74.53 -2.97
N ILE F 17 8.48 75.85 -2.74
CA ILE F 17 9.71 76.55 -2.34
C ILE F 17 9.59 76.85 -0.85
N ALA F 18 10.68 76.61 -0.10
CA ALA F 18 10.69 76.72 1.35
C ALA F 18 10.80 78.17 1.82
N GLY F 19 10.78 78.36 3.14
CA GLY F 19 10.86 79.67 3.76
C GLY F 19 11.69 79.71 5.03
N THR F 27 6.05 73.12 6.05
CA THR F 27 4.99 72.12 6.20
C THR F 27 3.95 72.22 5.09
N VAL F 28 3.76 71.13 4.34
CA VAL F 28 2.85 71.10 3.20
C VAL F 28 1.79 70.02 3.41
N ALA F 29 0.54 70.35 3.07
CA ALA F 29 -0.55 69.40 3.10
C ALA F 29 -0.70 68.74 1.74
N GLY F 30 -1.09 67.46 1.74
CA GLY F 30 -1.19 66.66 0.55
C GLY F 30 -2.63 66.40 0.18
N THR F 31 -2.90 66.27 -1.12
CA THR F 31 -4.21 65.89 -1.63
C THR F 31 -4.20 64.43 -2.05
N CYS F 32 -5.16 63.66 -1.53
CA CYS F 32 -5.24 62.22 -1.78
C CYS F 32 -5.44 61.94 -3.27
N VAL F 33 -4.92 60.80 -3.72
CA VAL F 33 -5.05 60.44 -5.12
C VAL F 33 -6.46 59.89 -5.33
N ASP F 34 -6.90 59.80 -6.58
CA ASP F 34 -8.27 59.39 -6.87
C ASP F 34 -8.56 58.03 -6.23
N HIS F 35 -9.67 57.97 -5.48
CA HIS F 35 -10.11 56.77 -4.76
C HIS F 35 -9.24 56.46 -3.52
N ALA F 36 -8.61 57.49 -2.94
CA ALA F 36 -7.99 57.38 -1.62
C ALA F 36 -8.62 58.38 -0.67
N VAL F 37 -8.65 58.05 0.63
CA VAL F 37 -9.33 58.85 1.63
C VAL F 37 -8.47 58.85 2.89
N VAL F 38 -8.77 59.78 3.80
CA VAL F 38 -8.17 59.79 5.13
C VAL F 38 -9.09 59.00 6.05
N PRO F 39 -8.60 57.96 6.72
CA PRO F 39 -9.45 57.23 7.66
C PRO F 39 -9.91 58.15 8.77
N PRO F 40 -11.14 57.94 9.30
CA PRO F 40 -11.74 58.93 10.22
C PRO F 40 -10.82 59.44 11.32
N GLY F 41 -10.28 58.53 12.14
CA GLY F 41 -9.41 58.94 13.22
C GLY F 41 -7.92 58.85 12.91
N GLY F 42 -7.54 59.20 11.68
CA GLY F 42 -6.15 59.15 11.25
C GLY F 42 -5.71 60.55 10.86
N GLU F 43 -4.40 60.82 10.85
CA GLU F 43 -3.92 62.16 10.54
C GLU F 43 -3.87 62.37 9.04
N GLU F 44 -4.37 63.51 8.58
CA GLU F 44 -4.41 63.79 7.16
C GLU F 44 -3.00 64.04 6.65
N PRO F 45 -2.72 63.75 5.38
CA PRO F 45 -1.33 63.78 4.88
C PRO F 45 -0.69 65.16 4.91
N ARG F 46 0.45 65.24 5.58
CA ARG F 46 1.27 66.44 5.61
C ARG F 46 2.74 66.02 5.53
N MET F 47 3.57 66.83 4.89
CA MET F 47 5.00 66.58 4.91
C MET F 47 5.77 67.90 4.80
N HIS F 48 6.99 67.91 5.32
CA HIS F 48 7.77 69.15 5.45
C HIS F 48 8.80 69.31 4.35
N CYS F 49 8.89 70.52 3.81
CA CYS F 49 9.83 70.86 2.75
C CYS F 49 10.98 71.67 3.36
N ALA F 50 12.17 71.47 2.82
CA ALA F 50 13.38 72.04 3.36
C ALA F 50 14.07 72.91 2.32
N VAL F 51 14.88 73.86 2.81
CA VAL F 51 15.58 74.78 1.91
C VAL F 51 16.58 74.03 1.04
N ASP F 52 17.15 72.92 1.52
CA ASP F 52 18.02 72.11 0.67
C ASP F 52 17.25 71.32 -0.39
N GLY F 53 15.91 71.37 -0.39
CA GLY F 53 15.07 70.74 -1.38
C GLY F 53 14.67 69.30 -1.13
N GLU F 54 14.45 68.94 0.13
CA GLU F 54 14.17 67.56 0.51
C GLU F 54 12.87 67.50 1.29
N TRP F 55 12.12 66.41 1.12
CA TRP F 55 10.91 66.17 1.89
C TRP F 55 11.25 65.32 3.10
N LEU F 56 10.82 65.76 4.28
CA LEU F 56 11.25 65.14 5.53
C LEU F 56 10.08 64.96 6.49
N VAL F 57 10.15 63.89 7.29
CA VAL F 57 9.18 63.56 8.34
C VAL F 57 7.75 63.52 7.79
N PRO F 58 7.36 62.48 7.06
CA PRO F 58 5.97 62.36 6.59
C PRO F 58 5.06 61.96 7.74
N ILE F 59 4.04 62.77 8.02
CA ILE F 59 3.04 62.47 9.03
C ILE F 59 1.70 62.19 8.36
N GLY F 60 1.05 61.10 8.76
CA GLY F 60 -0.27 60.79 8.27
C GLY F 60 -0.23 60.11 6.92
N GLN F 61 -1.38 59.58 6.51
CA GLN F 61 -1.45 58.85 5.24
C GLN F 61 -2.90 58.80 4.74
N CYS F 62 -3.04 58.56 3.43
CA CYS F 62 -4.30 58.19 2.78
C CYS F 62 -4.31 56.67 2.56
N LEU F 63 -5.51 56.12 2.42
CA LEU F 63 -5.67 54.69 2.20
C LEU F 63 -6.71 54.49 1.09
N CYS F 64 -6.54 53.44 0.29
CA CYS F 64 -7.52 53.17 -0.75
C CYS F 64 -8.85 52.79 -0.09
N GLN F 65 -9.94 53.43 -0.53
CA GLN F 65 -11.24 53.22 0.10
C GLN F 65 -11.75 51.80 -0.18
N ALA F 66 -12.95 51.51 0.33
CA ALA F 66 -13.57 50.21 0.09
C ALA F 66 -13.74 49.97 -1.41
N GLY F 67 -13.43 48.74 -1.83
CA GLY F 67 -13.51 48.35 -3.22
C GLY F 67 -12.28 48.64 -4.05
N TYR F 68 -11.27 49.30 -3.49
CA TYR F 68 -10.07 49.62 -4.25
C TYR F 68 -8.85 49.14 -3.48
N GLU F 69 -7.76 48.84 -4.21
CA GLU F 69 -6.53 48.37 -3.59
C GLU F 69 -5.35 49.17 -4.12
N LYS F 70 -4.25 49.12 -3.37
CA LYS F 70 -3.06 49.91 -3.69
C LYS F 70 -2.24 49.18 -4.75
N VAL F 71 -2.01 49.87 -5.88
CA VAL F 71 -1.15 49.37 -6.95
C VAL F 71 -0.19 50.49 -7.31
N GLU F 72 1.12 50.22 -7.27
CA GLU F 72 2.12 51.26 -7.43
C GLU F 72 1.79 52.41 -6.48
N ASP F 73 1.51 53.59 -7.02
CA ASP F 73 1.07 54.72 -6.21
C ASP F 73 -0.28 55.24 -6.70
N ALA F 74 -1.15 54.31 -7.09
CA ALA F 74 -2.50 54.62 -7.51
C ALA F 74 -3.46 53.72 -6.76
N CYS F 75 -4.74 54.03 -6.85
CA CYS F 75 -5.77 53.17 -6.29
C CYS F 75 -6.53 52.53 -7.45
N GLN F 76 -6.63 51.21 -7.41
CA GLN F 76 -7.16 50.42 -8.51
C GLN F 76 -8.28 49.54 -7.98
N ALA F 77 -9.29 49.32 -8.81
CA ALA F 77 -10.44 48.53 -8.41
C ALA F 77 -10.02 47.09 -8.13
N CYS F 78 -10.70 46.46 -7.19
CA CYS F 78 -10.49 45.03 -6.99
C CYS F 78 -10.90 44.29 -8.24
N SER F 79 -10.08 43.34 -8.70
CA SER F 79 -10.53 42.54 -9.82
C SER F 79 -11.69 41.64 -9.40
N PRO F 80 -12.61 41.34 -10.33
CA PRO F 80 -13.73 40.44 -10.02
C PRO F 80 -13.29 39.11 -9.42
N GLY F 81 -13.99 38.70 -8.38
CA GLY F 81 -13.57 37.59 -7.57
C GLY F 81 -12.96 38.02 -6.26
N PHE F 82 -12.72 39.32 -6.09
CA PHE F 82 -12.09 39.91 -4.92
C PHE F 82 -12.95 41.04 -4.36
N PHE F 83 -12.72 41.34 -3.08
CA PHE F 83 -13.46 42.36 -2.36
C PHE F 83 -12.49 43.09 -1.44
N LYS F 84 -12.93 44.25 -0.95
CA LYS F 84 -12.24 44.96 0.14
C LYS F 84 -13.29 45.78 0.90
N PHE F 85 -13.49 45.47 2.18
CA PHE F 85 -14.69 45.95 2.85
C PHE F 85 -14.56 47.35 3.43
N GLU F 86 -13.43 47.67 4.06
CA GLU F 86 -13.14 49.00 4.58
C GLU F 86 -11.90 49.57 3.91
N ALA F 87 -11.66 50.84 4.20
CA ALA F 87 -10.55 51.60 3.64
C ALA F 87 -9.29 51.42 4.46
N SER F 88 -8.75 50.21 4.44
CA SER F 88 -7.57 49.88 5.24
C SER F 88 -6.33 49.76 4.35
N GLU F 89 -5.16 49.51 4.98
CA GLU F 89 -3.91 49.31 4.26
C GLU F 89 -3.78 47.92 3.68
N SER F 90 -4.88 47.19 3.67
CA SER F 90 -4.90 45.79 3.26
C SER F 90 -5.03 45.68 1.74
N PRO F 91 -4.61 44.56 1.15
CA PRO F 91 -4.89 44.30 -0.27
C PRO F 91 -6.34 43.89 -0.48
N CYS F 92 -6.70 43.69 -1.75
CA CYS F 92 -7.99 43.10 -2.06
C CYS F 92 -7.94 41.61 -1.78
N LEU F 93 -8.98 41.09 -1.14
CA LEU F 93 -9.02 39.69 -0.73
C LEU F 93 -9.95 38.89 -1.62
N GLU F 94 -9.51 37.67 -1.94
CA GLU F 94 -10.32 36.73 -2.69
C GLU F 94 -11.59 36.40 -1.93
N CYS F 95 -12.66 36.17 -2.69
CA CYS F 95 -13.98 35.91 -2.12
C CYS F 95 -13.89 34.69 -1.20
N PRO F 96 -14.59 34.70 -0.07
CA PRO F 96 -14.45 33.60 0.90
C PRO F 96 -15.34 32.44 0.47
N GLU F 97 -15.33 31.36 1.25
CA GLU F 97 -16.09 30.19 0.84
C GLU F 97 -17.57 30.50 0.67
N HIS F 98 -18.21 29.67 -0.15
CA HIS F 98 -19.66 29.68 -0.31
C HIS F 98 -20.13 31.05 -0.75
N THR F 99 -19.31 31.74 -1.51
CA THR F 99 -19.71 33.01 -2.06
C THR F 99 -19.67 32.92 -3.58
N LEU F 100 -20.22 33.92 -4.21
CA LEU F 100 -20.36 33.97 -5.64
C LEU F 100 -19.47 35.05 -6.20
N PRO F 101 -18.78 34.77 -7.32
CA PRO F 101 -17.76 35.71 -7.82
C PRO F 101 -18.27 37.13 -7.91
N SER F 102 -17.64 38.01 -7.14
CA SER F 102 -18.08 39.39 -7.10
C SER F 102 -17.70 40.08 -8.40
N PRO F 103 -18.40 41.16 -8.74
CA PRO F 103 -17.97 41.98 -9.87
C PRO F 103 -16.78 42.85 -9.50
N GLU F 104 -16.39 43.75 -10.40
CA GLU F 104 -15.22 44.57 -10.17
C GLU F 104 -15.47 45.54 -9.02
N GLY F 105 -14.39 46.01 -8.40
CA GLY F 105 -14.50 47.04 -7.40
C GLY F 105 -15.46 46.68 -6.28
N ALA F 106 -15.57 45.40 -6.00
CA ALA F 106 -16.59 44.91 -5.08
C ALA F 106 -16.19 45.19 -3.64
N THR F 107 -17.20 45.50 -2.83
CA THR F 107 -16.99 45.70 -1.41
C THR F 107 -17.33 44.47 -0.58
N SER F 108 -18.05 43.51 -1.14
CA SER F 108 -18.30 42.21 -0.50
C SER F 108 -18.75 41.21 -1.55
N CYS F 109 -18.63 39.92 -1.23
CA CYS F 109 -19.05 38.87 -2.14
C CYS F 109 -20.39 38.30 -1.69
N GLU F 110 -21.28 38.09 -2.66
CA GLU F 110 -22.63 37.57 -2.43
C GLU F 110 -22.58 36.13 -1.95
N CYS F 111 -23.53 35.76 -1.09
CA CYS F 111 -23.61 34.37 -0.66
C CYS F 111 -24.21 33.52 -1.77
N GLU F 112 -23.97 32.23 -1.69
CA GLU F 112 -24.50 31.30 -2.68
C GLU F 112 -25.91 30.91 -2.24
N GLU F 113 -26.79 30.70 -3.21
CA GLU F 113 -28.17 30.33 -2.94
C GLU F 113 -28.24 29.28 -1.84
N GLY F 114 -28.93 29.61 -0.76
CA GLY F 114 -29.04 28.74 0.40
C GLY F 114 -28.08 29.03 1.53
N PHE F 115 -27.23 30.06 1.40
CA PHE F 115 -26.23 30.44 2.40
C PHE F 115 -26.47 31.89 2.76
N PHE F 116 -25.99 32.30 3.93
CA PHE F 116 -26.32 33.65 4.41
C PHE F 116 -25.21 34.20 5.27
N ARG F 117 -25.23 35.51 5.44
CA ARG F 117 -24.33 36.22 6.34
C ARG F 117 -25.12 37.05 7.35
N ALA F 118 -24.87 36.81 8.63
CA ALA F 118 -25.53 37.55 9.69
C ALA F 118 -25.20 39.04 9.60
N PRO F 119 -26.08 39.91 10.08
CA PRO F 119 -25.76 41.36 10.09
C PRO F 119 -24.56 41.72 10.96
N GLN F 120 -24.25 40.92 11.99
CA GLN F 120 -23.10 41.19 12.86
C GLN F 120 -21.78 40.78 12.23
N ASP F 121 -21.76 39.74 11.40
CA ASP F 121 -20.51 39.25 10.83
C ASP F 121 -19.95 40.28 9.85
N PRO F 122 -18.62 40.41 9.76
CA PRO F 122 -18.05 41.30 8.75
C PRO F 122 -18.26 40.76 7.35
N ALA F 123 -17.74 41.47 6.34
CA ALA F 123 -17.86 41.00 4.97
C ALA F 123 -16.72 40.07 4.56
N SER F 124 -15.71 39.89 5.41
CA SER F 124 -14.60 38.99 5.15
C SER F 124 -14.89 37.58 5.65
N MET F 125 -16.16 37.20 5.72
CA MET F 125 -16.56 36.01 6.40
C MET F 125 -17.12 34.99 5.42
N PRO F 126 -16.78 33.71 5.60
CA PRO F 126 -17.44 32.66 4.82
C PRO F 126 -18.93 32.70 5.10
N CYS F 127 -19.71 32.38 4.09
CA CYS F 127 -21.14 32.24 4.27
C CYS F 127 -21.46 30.88 4.88
N THR F 128 -22.58 30.82 5.59
CA THR F 128 -22.99 29.63 6.32
C THR F 128 -24.35 29.17 5.82
N LEU F 129 -24.59 27.87 5.95
CA LEU F 129 -25.84 27.28 5.51
C LEU F 129 -27.02 27.84 6.33
N VAL F 130 -27.93 28.54 5.64
CA VAL F 130 -29.19 29.00 6.22
C VAL F 130 -29.90 27.79 6.80
N PRO F 131 -30.19 27.78 8.10
CA PRO F 131 -30.95 26.67 8.70
C PRO F 131 -32.42 26.67 8.25
CL CL G . -7.91 1.42 22.88
CL CL H . -20.12 8.51 0.27
CL CL I . 9.08 -0.03 -51.51
NA NA J . 26.28 7.12 -26.01
NA NA K . 8.44 13.45 -33.36
CL CL L . -10.28 -0.22 -48.51
#